data_9EWF
#
_entry.id   9EWF
#
_cell.length_a   132.516
_cell.length_b   132.516
_cell.length_c   113.853
_cell.angle_alpha   90.000
_cell.angle_beta   90.000
_cell.angle_gamma   90.000
#
_symmetry.space_group_name_H-M   'P 4 21 2'
#
loop_
_entity.id
_entity.type
_entity.pdbx_description
1 polymer 'Cholera enterotoxin subunit B'
2 branched '2-deoxy-2-fluoro-beta-D-galactopyranose-(1-3)-2-acetamido-2-deoxy-beta-D-galactopyranose-(1-4)-[N-acetyl-alpha-neuraminic acid-(2-3)]beta-D-galactopyranose'
3 non-polymer (2R,3S,4S,5R,6R)-6-dodecoxy-5-fluoranyl-2-(hydroxymethyl)oxane-3,4-diol
4 water water
#
_entity_poly.entity_id   1
_entity_poly.type   'polypeptide(L)'
_entity_poly.pdbx_seq_one_letter_code
;TPQNITDLCAEYHNTQIHTLNDKIFSYTESLAGKREMAIITFKNGATFQVEVPGSQHIDSQKKAIERMKDTLRIAYLTEA
KVEKLCVWNNKTPHAIAAISMAN
;
_entity_poly.pdbx_strand_id   A,B,C,I,J,D,E,F,G,H
#
loop_
_chem_comp.id
_chem_comp.type
_chem_comp.name
_chem_comp.formula
2FG D-saccharide, beta linking 2-deoxy-2-fluoro-beta-D-galactopyranose 'C6 H11 F O5'
A1H7V non-polymer (2R,3S,4S,5R,6R)-6-dodecoxy-5-fluoranyl-2-(hydroxymethyl)oxane-3,4-diol 'C18 H35 F O5'
GAL D-saccharide, beta linking beta-D-galactopyranose 'C6 H12 O6'
NGA D-saccharide, beta linking 2-acetamido-2-deoxy-beta-D-galactopyranose 'C8 H15 N O6'
SIA D-saccharide, alpha linking 'N-acetyl-alpha-neuraminic acid' 'C11 H19 N O9'
#
# COMPACT_ATOMS: atom_id res chain seq x y z
N THR A 1 27.02 -7.44 28.41
CA THR A 1 25.97 -7.56 27.34
C THR A 1 26.03 -6.31 26.45
N PRO A 2 26.14 -6.50 25.14
CA PRO A 2 26.34 -5.34 24.25
C PRO A 2 25.11 -4.46 24.22
N GLN A 3 25.32 -3.20 23.82
CA GLN A 3 24.23 -2.25 23.70
C GLN A 3 23.87 -1.94 22.24
N ASN A 4 24.61 -2.47 21.28
CA ASN A 4 24.31 -2.21 19.88
C ASN A 4 24.86 -3.36 19.03
N ILE A 5 24.51 -3.33 17.74
CA ILE A 5 24.85 -4.45 16.87
C ILE A 5 26.35 -4.53 16.61
N THR A 6 27.03 -3.39 16.54
CA THR A 6 28.46 -3.40 16.25
C THR A 6 29.26 -4.02 17.38
N ASP A 7 28.95 -3.67 18.63
CA ASP A 7 29.64 -4.27 19.76
C ASP A 7 29.28 -5.75 19.91
N LEU A 8 28.02 -6.11 19.66
CA LEU A 8 27.64 -7.52 19.70
C LEU A 8 28.45 -8.32 18.67
N CYS A 9 28.65 -7.76 17.48
CA CYS A 9 29.36 -8.48 16.43
C CYS A 9 30.83 -8.64 16.75
N ALA A 10 31.41 -7.68 17.46
CA ALA A 10 32.81 -7.78 17.87
C ALA A 10 33.05 -8.86 18.91
N GLU A 11 32.00 -9.43 19.48
CA GLU A 11 32.17 -10.46 20.51
C GLU A 11 32.45 -11.83 19.92
N TYR A 12 32.31 -12.00 18.61
CA TYR A 12 32.50 -13.28 17.97
C TYR A 12 33.67 -13.22 17.00
N HIS A 13 34.17 -14.39 16.66
CA HIS A 13 35.11 -14.52 15.57
C HIS A 13 34.37 -14.97 14.30
N ASN A 14 34.97 -14.65 13.15
CA ASN A 14 34.39 -14.97 11.85
C ASN A 14 33.09 -14.20 11.61
N THR A 15 32.97 -13.00 12.18
CA THR A 15 31.85 -12.12 11.89
C THR A 15 32.37 -10.79 11.37
N GLN A 16 31.50 -10.07 10.67
CA GLN A 16 31.80 -8.71 10.23
C GLN A 16 30.49 -7.95 10.14
N ILE A 17 30.59 -6.63 10.26
CA ILE A 17 29.44 -5.76 10.10
C ILE A 17 29.35 -5.33 8.64
N HIS A 18 28.15 -5.42 8.07
CA HIS A 18 27.82 -4.80 6.80
C HIS A 18 26.84 -3.66 7.07
N THR A 19 27.17 -2.48 6.58
CA THR A 19 26.31 -1.31 6.71
C THR A 19 25.59 -1.07 5.38
N LEU A 20 24.27 -1.10 5.42
CA LEU A 20 23.46 -1.01 4.21
C LEU A 20 22.61 0.23 4.13
N ASN A 21 21.95 0.61 5.23
CA ASN A 21 21.08 1.79 5.25
C ASN A 21 20.14 1.79 4.04
N ASP A 22 19.51 0.66 3.79
CA ASP A 22 18.64 0.51 2.63
C ASP A 22 17.57 -0.52 2.94
N LYS A 23 16.49 -0.47 2.17
CA LYS A 23 15.46 -1.48 2.32
C LYS A 23 15.89 -2.76 1.60
N ILE A 24 15.23 -3.87 1.95
CA ILE A 24 15.51 -5.13 1.29
C ILE A 24 14.96 -5.09 -0.13
N PHE A 25 15.79 -5.51 -1.09
CA PHE A 25 15.39 -5.48 -2.48
C PHE A 25 14.61 -6.72 -2.88
N SER A 26 15.02 -7.90 -2.41
CA SER A 26 14.32 -9.13 -2.71
C SER A 26 14.36 -10.07 -1.52
N TYR A 27 13.27 -10.80 -1.31
CA TYR A 27 13.17 -11.82 -0.27
C TYR A 27 12.85 -13.15 -0.94
N THR A 28 13.61 -14.19 -0.59
CA THR A 28 13.47 -15.53 -1.17
C THR A 28 13.46 -16.54 -0.03
N GLU A 29 12.52 -17.49 -0.07
CA GLU A 29 12.52 -18.56 0.92
C GLU A 29 12.15 -19.88 0.27
N SER A 30 12.67 -20.96 0.87
CA SER A 30 12.56 -22.30 0.32
C SER A 30 12.17 -23.28 1.43
N LEU A 31 11.30 -24.23 1.08
CA LEU A 31 10.97 -25.35 1.95
C LEU A 31 11.58 -26.66 1.45
N ALA A 32 12.41 -26.59 0.41
CA ALA A 32 12.97 -27.78 -0.21
C ALA A 32 13.95 -28.48 0.74
N GLY A 33 13.98 -29.80 0.66
CA GLY A 33 14.80 -30.61 1.53
C GLY A 33 16.27 -30.27 1.51
N LYS A 34 16.84 -29.97 2.67
CA LYS A 34 18.24 -29.61 2.88
C LYS A 34 18.49 -28.16 2.47
N ARG A 35 17.50 -27.43 1.97
CA ARG A 35 17.64 -26.02 1.65
C ARG A 35 16.50 -25.21 2.27
N GLU A 36 16.15 -25.52 3.52
CA GLU A 36 15.10 -24.80 4.23
C GLU A 36 15.72 -23.51 4.75
N MET A 37 15.74 -22.49 3.89
CA MET A 37 16.54 -21.30 4.11
C MET A 37 15.82 -20.07 3.58
N ALA A 38 16.36 -18.90 3.93
CA ALA A 38 15.89 -17.64 3.40
C ALA A 38 17.08 -16.84 2.88
N ILE A 39 16.87 -16.10 1.80
CA ILE A 39 17.90 -15.29 1.15
C ILE A 39 17.32 -13.91 0.93
N ILE A 40 18.12 -12.88 1.25
CA ILE A 40 17.75 -11.50 0.95
C ILE A 40 18.87 -10.85 0.16
N THR A 41 18.50 -9.91 -0.71
CA THR A 41 19.46 -9.14 -1.47
C THR A 41 19.14 -7.66 -1.31
N PHE A 42 20.15 -6.84 -1.57
CA PHE A 42 20.00 -5.40 -1.62
C PHE A 42 20.37 -4.93 -3.02
N LYS A 43 19.91 -3.74 -3.38
CA LYS A 43 20.10 -3.27 -4.75
C LYS A 43 21.58 -3.08 -5.09
N ASN A 44 22.46 -2.98 -4.10
CA ASN A 44 23.89 -2.91 -4.36
C ASN A 44 24.52 -4.27 -4.61
N GLY A 45 23.73 -5.34 -4.63
CA GLY A 45 24.23 -6.68 -4.89
C GLY A 45 24.46 -7.52 -3.65
N ALA A 46 24.54 -6.90 -2.47
CA ALA A 46 24.85 -7.64 -1.26
C ALA A 46 23.78 -8.72 -1.01
N THR A 47 24.22 -9.95 -0.75
CA THR A 47 23.35 -11.11 -0.59
C THR A 47 23.65 -11.80 0.72
N PHE A 48 22.58 -12.20 1.42
CA PHE A 48 22.71 -12.79 2.74
C PHE A 48 21.69 -13.91 2.90
N GLN A 49 22.00 -14.84 3.81
CA GLN A 49 21.12 -15.95 4.10
C GLN A 49 20.84 -16.04 5.59
N VAL A 50 19.69 -16.61 5.91
CA VAL A 50 19.45 -17.22 7.22
C VAL A 50 19.71 -18.71 7.04
N GLU A 51 20.62 -19.25 7.84
CA GLU A 51 21.12 -20.59 7.59
C GLU A 51 20.07 -21.66 7.80
N VAL A 52 20.17 -22.74 7.02
CA VAL A 52 19.38 -23.93 7.30
C VAL A 52 19.67 -24.39 8.72
N PRO A 53 18.66 -24.67 9.54
CA PRO A 53 18.96 -25.12 10.92
C PRO A 53 19.68 -26.46 10.92
N GLY A 54 20.62 -26.60 11.85
CA GLY A 54 21.40 -27.82 11.95
C GLY A 54 21.82 -28.16 13.37
N SER A 55 22.86 -29.01 13.49
CA SER A 55 23.33 -29.44 14.80
C SER A 55 24.30 -28.44 15.43
N GLN A 56 24.93 -27.58 14.64
CA GLN A 56 25.75 -26.52 15.22
C GLN A 56 24.86 -25.49 15.91
N HIS A 57 23.62 -25.34 15.48
CA HIS A 57 22.66 -24.44 16.11
C HIS A 57 22.17 -25.07 17.41
N ILE A 58 22.33 -24.34 18.50
CA ILE A 58 22.25 -24.89 19.84
C ILE A 58 20.84 -24.72 20.38
N ASP A 59 20.73 -24.46 21.69
CA ASP A 59 19.44 -24.33 22.35
C ASP A 59 18.52 -23.29 21.70
N SER A 60 18.48 -22.09 22.28
CA SER A 60 17.52 -21.07 21.87
C SER A 60 17.87 -20.39 20.55
N GLN A 61 18.91 -20.87 19.86
CA GLN A 61 19.14 -20.40 18.50
C GLN A 61 18.05 -20.87 17.56
N LYS A 62 17.46 -22.04 17.83
CA LYS A 62 16.44 -22.57 16.95
C LYS A 62 15.26 -21.62 16.81
N LYS A 63 14.80 -21.06 17.94
CA LYS A 63 13.73 -20.08 17.87
C LYS A 63 14.21 -18.78 17.24
N ALA A 64 15.44 -18.37 17.55
CA ALA A 64 15.97 -17.13 16.98
C ALA A 64 16.14 -17.22 15.48
N ILE A 65 16.47 -18.40 14.96
CA ILE A 65 16.58 -18.57 13.52
C ILE A 65 15.23 -18.35 12.85
N GLU A 66 14.19 -19.00 13.39
CA GLU A 66 12.85 -18.82 12.83
C GLU A 66 12.39 -17.37 12.96
N ARG A 67 12.68 -16.74 14.09
CA ARG A 67 12.32 -15.35 14.26
C ARG A 67 13.01 -14.46 13.23
N MET A 68 14.29 -14.74 12.94
CA MET A 68 14.99 -13.93 11.96
C MET A 68 14.31 -14.01 10.60
N LYS A 69 13.87 -15.19 10.20
CA LYS A 69 13.19 -15.32 8.92
C LYS A 69 11.86 -14.58 8.93
N ASP A 70 11.13 -14.65 10.03
CA ASP A 70 9.94 -13.83 10.19
C ASP A 70 10.29 -12.35 10.03
N THR A 71 11.37 -11.92 10.69
CA THR A 71 11.73 -10.50 10.68
C THR A 71 12.11 -10.03 9.28
N LEU A 72 12.89 -10.83 8.55
CA LEU A 72 13.29 -10.41 7.21
C LEU A 72 12.08 -10.30 6.29
N ARG A 73 11.11 -11.22 6.44
CA ARG A 73 9.94 -11.18 5.59
C ARG A 73 9.09 -9.95 5.85
N ILE A 74 8.84 -9.64 7.13
CA ILE A 74 8.02 -8.48 7.44
C ILE A 74 8.79 -7.21 7.17
N ALA A 75 10.11 -7.23 7.34
CA ALA A 75 10.93 -6.08 6.96
C ALA A 75 10.83 -5.84 5.46
N TYR A 76 10.90 -6.91 4.66
CA TYR A 76 10.81 -6.74 3.21
C TYR A 76 9.46 -6.16 2.81
N LEU A 77 8.37 -6.67 3.39
CA LEU A 77 7.04 -6.25 2.96
C LEU A 77 6.72 -4.84 3.41
N THR A 78 7.28 -4.40 4.54
CA THR A 78 7.06 -3.03 5.01
C THR A 78 8.08 -2.04 4.43
N GLU A 79 9.04 -2.52 3.65
CA GLU A 79 10.13 -1.67 3.14
C GLU A 79 10.88 -0.98 4.27
N ALA A 80 11.06 -1.69 5.39
CA ALA A 80 11.82 -1.12 6.50
C ALA A 80 13.28 -0.96 6.11
N LYS A 81 13.83 0.21 6.39
CA LYS A 81 15.24 0.46 6.17
C LYS A 81 16.07 -0.42 7.09
N VAL A 82 16.93 -1.26 6.52
CA VAL A 82 17.91 -2.04 7.27
C VAL A 82 19.14 -1.17 7.45
N GLU A 83 19.63 -1.08 8.69
CA GLU A 83 20.82 -0.25 8.96
C GLU A 83 22.08 -1.09 8.77
N LYS A 84 22.28 -2.10 9.61
CA LYS A 84 23.47 -2.92 9.58
C LYS A 84 23.08 -4.39 9.74
N LEU A 85 23.96 -5.26 9.25
CA LEU A 85 23.90 -6.69 9.52
C LEU A 85 25.21 -7.16 10.12
N CYS A 86 25.12 -7.96 11.17
CA CYS A 86 26.23 -8.78 11.64
C CYS A 86 26.09 -10.14 10.98
N VAL A 87 27.12 -10.58 10.26
CA VAL A 87 27.06 -11.83 9.52
C VAL A 87 28.27 -12.68 9.84
N TRP A 88 28.10 -13.99 9.77
CA TRP A 88 29.24 -14.91 9.74
C TRP A 88 29.77 -14.94 8.32
N ASN A 89 31.05 -14.60 8.14
CA ASN A 89 31.63 -14.45 6.83
C ASN A 89 32.47 -15.65 6.40
N ASN A 90 32.40 -16.76 7.15
CA ASN A 90 32.98 -18.02 6.72
C ASN A 90 31.98 -18.87 5.93
N LYS A 91 30.79 -18.32 5.65
CA LYS A 91 29.79 -18.98 4.83
C LYS A 91 29.44 -18.08 3.65
N THR A 92 28.94 -18.68 2.58
CA THR A 92 28.49 -17.94 1.42
C THR A 92 27.17 -18.51 0.94
N PRO A 93 26.13 -17.67 0.77
CA PRO A 93 26.08 -16.23 1.10
C PRO A 93 26.36 -16.01 2.58
N HIS A 94 26.84 -14.84 2.96
CA HIS A 94 27.07 -14.53 4.37
C HIS A 94 25.83 -14.84 5.17
N ALA A 95 26.04 -15.48 6.31
CA ALA A 95 24.95 -15.92 7.18
C ALA A 95 24.68 -14.87 8.24
N ILE A 96 23.44 -14.43 8.32
CA ILE A 96 23.09 -13.34 9.24
C ILE A 96 23.13 -13.83 10.68
N ALA A 97 23.87 -13.12 11.52
CA ALA A 97 23.85 -13.32 12.95
C ALA A 97 22.99 -12.30 13.68
N ALA A 98 22.96 -11.05 13.19
CA ALA A 98 22.07 -10.05 13.77
C ALA A 98 21.75 -8.98 12.74
N ILE A 99 20.69 -8.23 13.03
CA ILE A 99 20.19 -7.18 12.16
C ILE A 99 19.82 -5.98 13.02
N SER A 100 19.99 -4.79 12.46
CA SER A 100 19.54 -3.56 13.09
C SER A 100 18.74 -2.76 12.07
N MET A 101 17.63 -2.20 12.51
CA MET A 101 16.78 -1.36 11.67
C MET A 101 16.60 -0.01 12.35
N ALA A 102 16.79 1.05 11.58
CA ALA A 102 16.63 2.42 12.07
C ALA A 102 16.01 3.22 10.93
N ASN A 103 15.00 4.02 11.26
CA ASN A 103 14.28 4.77 10.24
C ASN A 103 15.22 5.58 9.35
N THR B 1 -3.41 -9.44 41.55
CA THR B 1 -3.03 -9.30 40.11
C THR B 1 -2.98 -7.82 39.76
N PRO B 2 -1.83 -7.34 39.27
CA PRO B 2 -1.70 -5.91 39.00
C PRO B 2 -2.68 -5.46 37.92
N GLN B 3 -3.14 -4.21 38.07
CA GLN B 3 -4.12 -3.63 37.15
C GLN B 3 -3.49 -2.71 36.11
N ASN B 4 -2.18 -2.48 36.18
CA ASN B 4 -1.51 -1.62 35.21
C ASN B 4 -0.01 -1.83 35.38
N ILE B 5 0.76 -1.21 34.49
CA ILE B 5 2.19 -1.49 34.44
C ILE B 5 2.89 -0.91 35.66
N THR B 6 2.38 0.19 36.21
CA THR B 6 3.03 0.77 37.40
C THR B 6 2.90 -0.18 38.58
N ASP B 7 1.68 -0.66 38.86
CA ASP B 7 1.48 -1.55 39.99
C ASP B 7 2.29 -2.83 39.83
N LEU B 8 2.40 -3.35 38.60
CA LEU B 8 3.24 -4.51 38.38
C LEU B 8 4.70 -4.18 38.64
N CYS B 9 5.18 -3.06 38.09
CA CYS B 9 6.58 -2.68 38.29
C CYS B 9 6.87 -2.49 39.77
N ALA B 10 5.87 -2.11 40.56
CA ALA B 10 6.07 -1.90 41.98
C ALA B 10 6.31 -3.22 42.71
N GLU B 11 5.79 -4.32 42.18
CA GLU B 11 6.01 -5.62 42.81
C GLU B 11 7.48 -5.95 42.95
N TYR B 12 8.34 -5.28 42.20
CA TYR B 12 9.77 -5.60 42.18
C TYR B 12 10.57 -4.38 42.62
N HIS B 13 11.39 -4.57 43.65
CA HIS B 13 12.57 -3.75 43.87
C HIS B 13 13.40 -3.85 42.59
N ASN B 14 14.43 -3.02 42.44
CA ASN B 14 15.31 -2.99 41.29
C ASN B 14 14.65 -3.21 39.95
N THR B 15 13.38 -2.80 39.82
CA THR B 15 12.81 -2.42 38.54
C THR B 15 12.40 -0.95 38.64
N GLN B 16 12.26 -0.28 37.49
CA GLN B 16 11.88 1.12 37.47
C GLN B 16 11.11 1.42 36.20
N ILE B 17 10.26 2.44 36.27
CA ILE B 17 9.41 2.83 35.16
C ILE B 17 10.13 3.88 34.33
N HIS B 18 10.08 3.71 33.00
CA HIS B 18 10.46 4.74 32.05
C HIS B 18 9.21 5.09 31.25
N THR B 19 8.88 6.37 31.19
CA THR B 19 7.80 6.87 30.34
C THR B 19 8.43 7.50 29.12
N LEU B 20 8.22 6.88 27.97
CA LEU B 20 8.77 7.35 26.71
C LEU B 20 7.74 8.13 25.88
N ASN B 21 6.51 7.62 25.79
CA ASN B 21 5.47 8.20 24.95
C ASN B 21 6.05 8.60 23.59
N ASP B 22 6.65 7.60 22.94
CA ASP B 22 7.38 7.82 21.71
C ASP B 22 7.48 6.49 20.97
N LYS B 23 7.68 6.56 19.67
CA LYS B 23 7.93 5.32 18.93
C LYS B 23 9.38 4.89 19.10
N ILE B 24 9.61 3.60 18.84
CA ILE B 24 10.96 3.07 18.93
C ILE B 24 11.82 3.63 17.80
N PHE B 25 13.04 4.05 18.14
CA PHE B 25 13.92 4.64 17.15
C PHE B 25 14.65 3.57 16.35
N SER B 26 15.12 2.52 17.00
CA SER B 26 15.79 1.44 16.28
C SER B 26 15.46 0.12 16.96
N TYR B 27 15.45 -0.95 16.17
CA TYR B 27 15.21 -2.29 16.66
C TYR B 27 16.34 -3.19 16.15
N THR B 28 16.99 -3.88 17.08
CA THR B 28 18.13 -4.75 16.77
C THR B 28 17.82 -6.14 17.30
N GLU B 29 18.09 -7.17 16.49
CA GLU B 29 17.72 -8.54 16.80
C GLU B 29 18.88 -9.46 16.46
N SER B 30 19.15 -10.42 17.34
CA SER B 30 20.30 -11.30 17.21
C SER B 30 19.90 -12.75 17.44
N LEU B 31 20.44 -13.64 16.60
CA LEU B 31 20.33 -15.08 16.78
C LEU B 31 21.65 -15.72 17.14
N ALA B 32 22.71 -14.94 17.35
CA ALA B 32 24.01 -15.50 17.68
C ALA B 32 23.97 -16.20 19.03
N GLY B 33 24.73 -17.28 19.13
CA GLY B 33 24.74 -18.11 20.32
C GLY B 33 25.08 -17.35 21.59
N LYS B 34 24.21 -17.47 22.60
CA LYS B 34 24.33 -16.79 23.88
C LYS B 34 24.11 -15.28 23.76
N ARG B 35 23.66 -14.81 22.59
CA ARG B 35 23.20 -13.44 22.41
C ARG B 35 21.88 -13.44 21.62
N GLU B 36 21.02 -14.43 21.89
CA GLU B 36 19.69 -14.49 21.28
C GLU B 36 18.82 -13.47 22.00
N MET B 37 18.82 -12.24 21.49
CA MET B 37 18.25 -11.12 22.24
C MET B 37 17.75 -10.05 21.28
N ALA B 38 17.10 -9.04 21.85
CA ALA B 38 16.66 -7.86 21.14
C ALA B 38 17.14 -6.63 21.89
N ILE B 39 17.45 -5.57 21.14
CA ILE B 39 17.84 -4.29 21.69
C ILE B 39 17.05 -3.21 20.98
N ILE B 40 16.44 -2.31 21.74
CA ILE B 40 15.73 -1.17 21.18
C ILE B 40 16.33 0.11 21.75
N THR B 41 16.22 1.18 20.98
CA THR B 41 16.61 2.51 21.43
C THR B 41 15.49 3.49 21.10
N PHE B 42 15.51 4.62 21.78
CA PHE B 42 14.62 5.73 21.52
C PHE B 42 15.46 6.95 21.20
N LYS B 43 14.86 7.92 20.51
CA LYS B 43 15.65 9.06 20.04
C LYS B 43 16.23 9.86 21.19
N ASN B 44 15.70 9.72 22.40
CA ASN B 44 16.28 10.39 23.57
C ASN B 44 17.55 9.72 24.06
N GLY B 45 17.99 8.65 23.41
CA GLY B 45 19.21 7.95 23.77
C GLY B 45 19.01 6.69 24.60
N ALA B 46 17.82 6.50 25.16
CA ALA B 46 17.58 5.36 26.03
C ALA B 46 17.70 4.05 25.25
N THR B 47 18.39 3.08 25.85
CA THR B 47 18.58 1.76 25.26
C THR B 47 18.05 0.70 26.23
N PHE B 48 17.39 -0.31 25.69
CA PHE B 48 16.84 -1.39 26.50
C PHE B 48 16.99 -2.72 25.75
N GLN B 49 17.12 -3.79 26.51
CA GLN B 49 17.23 -5.13 25.96
C GLN B 49 16.06 -5.99 26.39
N VAL B 50 15.79 -7.02 25.61
CA VAL B 50 15.08 -8.20 26.09
C VAL B 50 16.15 -9.25 26.39
N GLU B 51 16.14 -9.76 27.62
CA GLU B 51 17.22 -10.64 28.07
C GLU B 51 17.38 -11.87 27.19
N VAL B 52 18.64 -12.31 27.06
CA VAL B 52 18.89 -13.67 26.57
C VAL B 52 18.21 -14.68 27.47
N PRO B 53 17.39 -15.60 26.95
CA PRO B 53 16.80 -16.63 27.81
C PRO B 53 17.89 -17.55 28.34
N GLY B 54 17.85 -17.80 29.65
CA GLY B 54 18.84 -18.64 30.30
C GLY B 54 18.20 -19.48 31.40
N SER B 55 19.05 -20.22 32.10
CA SER B 55 18.55 -21.12 33.13
C SER B 55 17.83 -20.38 34.25
N GLN B 56 18.02 -19.06 34.37
CA GLN B 56 17.34 -18.28 35.39
C GLN B 56 15.87 -18.03 35.04
N HIS B 57 15.43 -18.36 33.84
CA HIS B 57 14.07 -18.11 33.39
C HIS B 57 13.29 -19.41 33.37
N ILE B 58 12.18 -19.45 34.12
CA ILE B 58 11.27 -20.59 34.00
C ILE B 58 10.67 -20.62 32.59
N ASP B 59 10.15 -21.78 32.20
CA ASP B 59 9.74 -21.98 30.81
C ASP B 59 8.63 -21.00 30.42
N SER B 60 7.72 -20.70 31.35
CA SER B 60 6.68 -19.72 31.03
C SER B 60 7.27 -18.35 30.75
N GLN B 61 8.37 -18.01 31.42
CA GLN B 61 9.04 -16.73 31.17
C GLN B 61 9.75 -16.74 29.82
N LYS B 62 10.41 -17.84 29.47
CA LYS B 62 11.05 -17.93 28.16
C LYS B 62 10.03 -17.72 27.05
N LYS B 63 8.83 -18.28 27.20
CA LYS B 63 7.79 -18.09 26.19
C LYS B 63 7.34 -16.64 26.13
N ALA B 64 7.22 -15.98 27.30
CA ALA B 64 6.84 -14.58 27.32
C ALA B 64 7.96 -13.69 26.78
N ILE B 65 9.22 -14.13 26.93
CA ILE B 65 10.33 -13.40 26.32
C ILE B 65 10.19 -13.38 24.81
N GLU B 66 9.83 -14.52 24.21
CA GLU B 66 9.58 -14.55 22.78
C GLU B 66 8.42 -13.65 22.41
N ARG B 67 7.35 -13.65 23.20
CA ARG B 67 6.25 -12.73 22.93
C ARG B 67 6.75 -11.28 22.94
N MET B 68 7.51 -10.89 23.95
CA MET B 68 7.94 -9.50 24.05
C MET B 68 8.70 -9.08 22.80
N LYS B 69 9.54 -9.96 22.26
CA LYS B 69 10.28 -9.63 21.06
C LYS B 69 9.35 -9.51 19.86
N ASP B 70 8.31 -10.34 19.81
CA ASP B 70 7.27 -10.16 18.80
C ASP B 70 6.65 -8.78 18.92
N THR B 71 6.32 -8.37 20.15
CA THR B 71 5.65 -7.10 20.37
C THR B 71 6.52 -5.91 19.96
N LEU B 72 7.80 -5.94 20.33
CA LEU B 72 8.66 -4.82 20.03
C LEU B 72 8.90 -4.68 18.53
N ARG B 73 9.04 -5.80 17.82
CA ARG B 73 9.28 -5.72 16.38
C ARG B 73 8.09 -5.08 15.67
N ILE B 74 6.88 -5.56 15.97
CA ILE B 74 5.70 -5.04 15.28
C ILE B 74 5.39 -3.63 15.75
N ALA B 75 5.68 -3.31 17.01
CA ALA B 75 5.59 -1.93 17.46
C ALA B 75 6.54 -1.05 16.67
N TYR B 76 7.78 -1.51 16.51
CA TYR B 76 8.74 -0.74 15.72
C TYR B 76 8.25 -0.54 14.29
N LEU B 77 7.82 -1.61 13.63
CA LEU B 77 7.48 -1.54 12.22
C LEU B 77 6.19 -0.77 11.98
N THR B 78 5.32 -0.66 12.98
CA THR B 78 4.11 0.14 12.86
C THR B 78 4.29 1.54 13.41
N GLU B 79 5.48 1.88 13.92
CA GLU B 79 5.70 3.17 14.55
C GLU B 79 4.72 3.40 15.69
N ALA B 80 4.33 2.33 16.37
CA ALA B 80 3.45 2.46 17.52
C ALA B 80 4.18 3.13 18.67
N LYS B 81 3.51 4.08 19.32
CA LYS B 81 4.11 4.78 20.45
C LYS B 81 4.20 3.85 21.65
N VAL B 82 5.37 3.82 22.29
CA VAL B 82 5.54 3.16 23.57
C VAL B 82 5.22 4.16 24.68
N GLU B 83 4.34 3.79 25.59
CA GLU B 83 4.03 4.66 26.72
C GLU B 83 5.04 4.50 27.84
N LYS B 84 5.12 3.30 28.40
CA LYS B 84 6.01 3.03 29.53
C LYS B 84 6.73 1.71 29.32
N LEU B 85 7.94 1.62 29.87
CA LEU B 85 8.67 0.37 30.01
C LEU B 85 9.00 0.16 31.48
N CYS B 86 8.75 -1.05 31.97
CA CYS B 86 9.22 -1.48 33.28
C CYS B 86 10.48 -2.32 33.05
N VAL B 87 11.60 -1.88 33.64
CA VAL B 87 12.90 -2.45 33.30
C VAL B 87 13.69 -2.74 34.57
N TRP B 88 14.40 -3.87 34.57
CA TRP B 88 15.34 -4.19 35.63
C TRP B 88 16.60 -3.34 35.47
N ASN B 89 16.96 -2.60 36.52
CA ASN B 89 18.06 -1.65 36.46
C ASN B 89 19.37 -2.23 36.96
N ASN B 90 19.43 -3.54 37.23
CA ASN B 90 20.67 -4.22 37.59
C ASN B 90 21.33 -4.91 36.40
N LYS B 91 20.84 -4.66 35.18
CA LYS B 91 21.46 -5.16 33.97
C LYS B 91 21.74 -3.99 33.03
N THR B 92 22.68 -4.19 32.13
CA THR B 92 23.10 -3.17 31.18
C THR B 92 23.17 -3.80 29.79
N PRO B 93 22.30 -3.38 28.85
CA PRO B 93 21.25 -2.34 28.97
C PRO B 93 20.19 -2.76 29.98
N HIS B 94 19.42 -1.83 30.53
CA HIS B 94 18.28 -2.21 31.36
C HIS B 94 17.40 -3.20 30.59
N ALA B 95 16.85 -4.17 31.31
CA ALA B 95 16.14 -5.29 30.71
C ALA B 95 14.64 -5.13 30.88
N ILE B 96 13.90 -5.37 29.81
CA ILE B 96 12.46 -5.12 29.79
C ILE B 96 11.72 -6.22 30.53
N ALA B 97 10.90 -5.82 31.50
CA ALA B 97 9.98 -6.71 32.19
C ALA B 97 8.55 -6.57 31.69
N ALA B 98 8.16 -5.36 31.29
CA ALA B 98 6.78 -5.11 30.88
C ALA B 98 6.77 -3.86 30.01
N ILE B 99 5.75 -3.77 29.17
CA ILE B 99 5.58 -2.65 28.25
C ILE B 99 4.11 -2.27 28.20
N SER B 100 3.85 -0.98 28.10
CA SER B 100 2.51 -0.48 27.85
C SER B 100 2.52 0.38 26.59
N MET B 101 1.45 0.28 25.80
CA MET B 101 1.20 1.12 24.65
C MET B 101 -0.19 1.70 24.79
N ALA B 102 -0.32 3.00 24.50
CA ALA B 102 -1.60 3.67 24.72
C ALA B 102 -2.02 4.58 23.57
N ASN B 103 -1.30 5.69 23.37
CA ASN B 103 -1.72 6.69 22.42
C ASN B 103 -0.69 7.80 22.21
N THR C 1 -23.34 -26.35 20.66
CA THR C 1 -22.25 -25.32 20.49
C THR C 1 -22.88 -23.95 20.28
N PRO C 2 -22.48 -22.97 21.09
CA PRO C 2 -23.09 -21.64 20.99
C PRO C 2 -22.77 -20.96 19.66
N GLN C 3 -23.65 -20.05 19.26
CA GLN C 3 -23.52 -19.34 17.99
C GLN C 3 -23.04 -17.90 18.15
N ASN C 4 -22.80 -17.44 19.37
CA ASN C 4 -22.34 -16.07 19.57
C ASN C 4 -21.77 -15.95 20.98
N ILE C 5 -21.06 -14.85 21.20
CA ILE C 5 -20.32 -14.66 22.45
C ILE C 5 -21.28 -14.63 23.64
N THR C 6 -22.44 -14.02 23.47
CA THR C 6 -23.40 -13.93 24.57
C THR C 6 -23.88 -15.31 25.01
N ASP C 7 -24.19 -16.18 24.04
CA ASP C 7 -24.63 -17.53 24.39
C ASP C 7 -23.48 -18.35 24.97
N LEU C 8 -22.29 -18.22 24.40
CA LEU C 8 -21.13 -18.91 24.96
C LEU C 8 -20.88 -18.47 26.40
N CYS C 9 -21.02 -17.17 26.67
CA CYS C 9 -20.75 -16.65 28.00
C CYS C 9 -21.73 -17.24 29.03
N ALA C 10 -22.96 -17.52 28.62
CA ALA C 10 -23.96 -18.02 29.56
C ALA C 10 -23.69 -19.47 29.99
N GLU C 11 -22.82 -20.18 29.26
CA GLU C 11 -22.54 -21.57 29.63
C GLU C 11 -21.68 -21.67 30.87
N TYR C 12 -21.03 -20.58 31.28
CA TYR C 12 -20.10 -20.58 32.39
C TYR C 12 -20.66 -19.79 33.57
N HIS C 13 -20.16 -20.12 34.75
CA HIS C 13 -20.54 -19.45 35.98
C HIS C 13 -19.55 -18.34 36.30
N ASN C 14 -20.06 -17.28 36.95
CA ASN C 14 -19.26 -16.14 37.34
C ASN C 14 -18.70 -15.40 36.13
N THR C 15 -19.51 -15.31 35.07
CA THR C 15 -19.15 -14.55 33.89
C THR C 15 -20.20 -13.49 33.62
N GLN C 16 -19.83 -12.52 32.78
CA GLN C 16 -20.71 -11.44 32.41
C GLN C 16 -20.21 -10.80 31.13
N ILE C 17 -21.13 -10.22 30.36
CA ILE C 17 -20.79 -9.58 29.09
C ILE C 17 -20.56 -8.09 29.32
N HIS C 18 -19.48 -7.57 28.76
CA HIS C 18 -19.22 -6.14 28.69
C HIS C 18 -19.35 -5.73 27.22
N THR C 19 -20.24 -4.77 26.96
CA THR C 19 -20.43 -4.23 25.61
C THR C 19 -19.65 -2.92 25.52
N LEU C 20 -18.55 -2.93 24.76
CA LEU C 20 -17.69 -1.78 24.63
C LEU C 20 -18.00 -0.95 23.37
N ASN C 21 -18.08 -1.61 22.22
CA ASN C 21 -18.21 -0.92 20.94
C ASN C 21 -17.20 0.23 20.84
N ASP C 22 -15.93 -0.10 21.08
CA ASP C 22 -14.86 0.89 21.05
C ASP C 22 -13.55 0.16 20.80
N LYS C 23 -12.57 0.89 20.28
CA LYS C 23 -11.24 0.31 20.15
C LYS C 23 -10.58 0.25 21.53
N ILE C 24 -9.50 -0.52 21.61
CA ILE C 24 -8.75 -0.65 22.86
C ILE C 24 -7.95 0.63 23.08
N PHE C 25 -8.00 1.16 24.29
CA PHE C 25 -7.25 2.37 24.55
C PHE C 25 -5.78 2.07 24.84
N SER C 26 -5.50 1.02 25.62
CA SER C 26 -4.13 0.70 25.99
C SER C 26 -3.92 -0.80 26.05
N TYR C 27 -2.73 -1.24 25.64
CA TYR C 27 -2.32 -2.63 25.71
C TYR C 27 -1.03 -2.70 26.52
N THR C 28 -1.03 -3.58 27.53
CA THR C 28 0.09 -3.76 28.44
C THR C 28 0.45 -5.24 28.48
N GLU C 29 1.74 -5.53 28.54
CA GLU C 29 2.22 -6.92 28.48
C GLU C 29 3.44 -7.07 29.36
N SER C 30 3.47 -8.16 30.11
CA SER C 30 4.52 -8.45 31.07
C SER C 30 5.15 -9.82 30.79
N LEU C 31 6.47 -9.89 30.89
CA LEU C 31 7.18 -11.15 30.78
C LEU C 31 7.76 -11.61 32.11
N ALA C 32 7.54 -10.88 33.19
CA ALA C 32 8.05 -11.29 34.49
C ALA C 32 7.49 -12.66 34.87
N GLY C 33 8.36 -13.49 35.46
CA GLY C 33 7.98 -14.83 35.84
C GLY C 33 6.76 -14.90 36.71
N LYS C 34 5.83 -15.80 36.37
CA LYS C 34 4.55 -15.97 37.04
C LYS C 34 3.67 -14.71 36.94
N ARG C 35 4.07 -13.74 36.12
CA ARG C 35 3.24 -12.60 35.79
C ARG C 35 3.16 -12.42 34.28
N GLU C 36 3.25 -13.53 33.52
CA GLU C 36 3.17 -13.50 32.07
C GLU C 36 1.72 -13.24 31.68
N MET C 37 1.38 -11.98 31.41
CA MET C 37 -0.01 -11.61 31.28
C MET C 37 -0.14 -10.39 30.36
N ALA C 38 -1.39 -10.06 30.05
CA ALA C 38 -1.72 -8.88 29.26
C ALA C 38 -2.88 -8.15 29.92
N ILE C 39 -2.84 -6.83 29.84
CA ILE C 39 -3.90 -5.98 30.37
C ILE C 39 -4.31 -5.00 29.27
N ILE C 40 -5.62 -4.82 29.11
CA ILE C 40 -6.17 -3.84 28.18
C ILE C 40 -7.13 -2.96 28.94
N THR C 41 -7.27 -1.71 28.50
CA THR C 41 -8.23 -0.78 29.06
C THR C 41 -8.95 -0.08 27.91
N PHE C 42 -10.14 0.42 28.21
CA PHE C 42 -10.96 1.18 27.27
C PHE C 42 -11.20 2.57 27.83
N LYS C 43 -11.58 3.49 26.95
CA LYS C 43 -11.72 4.88 27.36
C LYS C 43 -12.85 5.09 28.37
N ASN C 44 -13.73 4.10 28.54
CA ASN C 44 -14.73 4.16 29.60
C ASN C 44 -14.18 3.71 30.95
N GLY C 45 -12.87 3.50 31.05
CA GLY C 45 -12.23 3.14 32.30
C GLY C 45 -12.20 1.67 32.61
N ALA C 46 -12.83 0.83 31.78
CA ALA C 46 -12.85 -0.60 32.03
C ALA C 46 -11.47 -1.19 31.79
N THR C 47 -11.06 -2.10 32.70
CA THR C 47 -9.75 -2.75 32.65
C THR C 47 -9.96 -4.25 32.70
N PHE C 48 -9.27 -4.97 31.82
CA PHE C 48 -9.39 -6.42 31.75
C PHE C 48 -8.00 -7.03 31.58
N GLN C 49 -7.90 -8.29 31.98
CA GLN C 49 -6.66 -9.03 31.87
C GLN C 49 -6.87 -10.31 31.07
N VAL C 50 -5.78 -10.79 30.47
CA VAL C 50 -5.65 -12.18 30.05
C VAL C 50 -4.87 -12.87 31.17
N GLU C 51 -5.47 -13.90 31.76
CA GLU C 51 -4.92 -14.49 32.96
C GLU C 51 -3.54 -15.09 32.72
N VAL C 52 -2.72 -15.07 33.77
CA VAL C 52 -1.49 -15.86 33.75
C VAL C 52 -1.85 -17.34 33.61
N PRO C 53 -1.30 -18.05 32.62
CA PRO C 53 -1.65 -19.47 32.47
C PRO C 53 -1.12 -20.31 33.62
N GLY C 54 -2.00 -21.15 34.18
CA GLY C 54 -1.61 -22.05 35.25
C GLY C 54 -2.75 -22.58 36.09
N SER C 55 -2.71 -23.87 36.41
CA SER C 55 -3.71 -24.55 37.24
C SER C 55 -5.11 -24.52 36.64
N GLN C 56 -5.81 -23.39 36.76
CA GLN C 56 -7.18 -23.29 36.28
C GLN C 56 -7.30 -23.70 34.82
N HIS C 57 -6.18 -23.85 34.14
CA HIS C 57 -6.13 -23.96 32.68
C HIS C 57 -5.63 -25.33 32.27
N ILE C 58 -6.44 -26.04 31.48
CA ILE C 58 -6.11 -27.33 30.91
C ILE C 58 -5.21 -27.12 29.70
N ASP C 59 -4.96 -28.20 28.96
CA ASP C 59 -4.03 -28.12 27.84
C ASP C 59 -4.51 -27.14 26.78
N SER C 60 -5.74 -27.31 26.30
CA SER C 60 -6.26 -26.47 25.23
C SER C 60 -6.41 -25.02 25.65
N GLN C 61 -6.54 -24.75 26.94
CA GLN C 61 -6.64 -23.36 27.38
C GLN C 61 -5.31 -22.63 27.25
N LYS C 62 -4.19 -23.32 27.47
CA LYS C 62 -2.89 -22.67 27.35
C LYS C 62 -2.70 -22.10 25.94
N LYS C 63 -2.94 -22.90 24.90
CA LYS C 63 -2.84 -22.38 23.55
C LYS C 63 -3.74 -21.17 23.38
N ALA C 64 -4.98 -21.26 23.88
CA ALA C 64 -5.97 -20.23 23.64
C ALA C 64 -5.63 -18.94 24.38
N ILE C 65 -5.02 -19.05 25.55
CA ILE C 65 -4.56 -17.87 26.28
C ILE C 65 -3.53 -17.11 25.46
N GLU C 66 -2.57 -17.83 24.85
CA GLU C 66 -1.58 -17.16 24.02
C GLU C 66 -2.22 -16.55 22.79
N ARG C 67 -3.14 -17.27 22.13
CA ARG C 67 -3.85 -16.70 20.99
C ARG C 67 -4.53 -15.40 21.41
N MET C 68 -5.21 -15.41 22.55
CA MET C 68 -5.96 -14.23 22.99
C MET C 68 -5.06 -13.01 23.11
N LYS C 69 -3.87 -13.17 23.69
CA LYS C 69 -2.93 -12.05 23.77
C LYS C 69 -2.46 -11.64 22.37
N ASP C 70 -2.26 -12.59 21.46
CA ASP C 70 -1.98 -12.23 20.07
C ASP C 70 -3.11 -11.37 19.50
N THR C 71 -4.35 -11.77 19.76
CA THR C 71 -5.51 -11.09 19.18
C THR C 71 -5.65 -9.69 19.74
N LEU C 72 -5.46 -9.52 21.04
CA LEU C 72 -5.59 -8.20 21.64
C LEU C 72 -4.50 -7.25 21.16
N ARG C 73 -3.27 -7.76 21.02
CA ARG C 73 -2.19 -6.91 20.52
C ARG C 73 -2.52 -6.38 19.13
N ILE C 74 -2.87 -7.27 18.20
CA ILE C 74 -3.09 -6.84 16.83
C ILE C 74 -4.40 -6.06 16.72
N ALA C 75 -5.37 -6.36 17.58
CA ALA C 75 -6.58 -5.53 17.62
C ALA C 75 -6.25 -4.12 18.08
N TYR C 76 -5.39 -3.99 19.09
CA TYR C 76 -4.97 -2.67 19.54
C TYR C 76 -4.25 -1.92 18.42
N LEU C 77 -3.29 -2.58 17.78
CA LEU C 77 -2.47 -1.89 16.78
C LEU C 77 -3.27 -1.49 15.55
N THR C 78 -4.32 -2.25 15.21
CA THR C 78 -5.17 -1.89 14.09
C THR C 78 -6.34 -1.01 14.49
N GLU C 79 -6.50 -0.71 15.77
CA GLU C 79 -7.59 0.13 16.26
C GLU C 79 -8.95 -0.48 15.91
N ALA C 80 -9.01 -1.80 15.88
CA ALA C 80 -10.27 -2.48 15.63
C ALA C 80 -11.24 -2.23 16.77
N LYS C 81 -12.50 -1.96 16.40
CA LYS C 81 -13.58 -1.87 17.38
C LYS C 81 -13.89 -3.25 17.94
N VAL C 82 -13.86 -3.39 19.26
CA VAL C 82 -14.33 -4.61 19.93
C VAL C 82 -15.77 -4.40 20.34
N GLU C 83 -16.62 -5.38 20.04
CA GLU C 83 -18.04 -5.30 20.40
C GLU C 83 -18.26 -5.67 21.85
N LYS C 84 -17.93 -6.91 22.21
CA LYS C 84 -18.22 -7.42 23.55
C LYS C 84 -17.02 -8.19 24.08
N LEU C 85 -16.95 -8.27 25.40
CA LEU C 85 -16.03 -9.15 26.10
C LEU C 85 -16.82 -10.01 27.07
N CYS C 86 -16.59 -11.33 27.03
CA CYS C 86 -17.05 -12.23 28.08
C CYS C 86 -15.92 -12.38 29.09
N VAL C 87 -16.19 -12.06 30.35
CA VAL C 87 -15.15 -12.00 31.37
C VAL C 87 -15.62 -12.70 32.62
N TRP C 88 -14.67 -13.29 33.35
CA TRP C 88 -14.92 -13.80 34.69
C TRP C 88 -14.91 -12.61 35.66
N ASN C 89 -16.06 -12.34 36.28
CA ASN C 89 -16.18 -11.22 37.20
C ASN C 89 -15.79 -11.59 38.63
N ASN C 90 -15.19 -12.76 38.83
CA ASN C 90 -14.66 -13.16 40.13
C ASN C 90 -13.15 -12.99 40.21
N LYS C 91 -12.56 -12.22 39.29
CA LYS C 91 -11.14 -11.87 39.30
C LYS C 91 -11.02 -10.37 39.14
N THR C 92 -9.88 -9.83 39.56
CA THR C 92 -9.60 -8.40 39.48
C THR C 92 -8.21 -8.19 38.91
N PRO C 93 -8.07 -7.61 37.71
CA PRO C 93 -9.14 -7.15 36.81
C PRO C 93 -10.02 -8.31 36.36
N HIS C 94 -11.24 -8.06 35.90
CA HIS C 94 -12.03 -9.12 35.29
C HIS C 94 -11.22 -9.79 34.19
N ALA C 95 -11.24 -11.12 34.17
CA ALA C 95 -10.42 -11.90 33.26
C ALA C 95 -11.20 -12.24 32.00
N ILE C 96 -10.54 -12.13 30.86
CA ILE C 96 -11.21 -12.29 29.57
C ILE C 96 -11.42 -13.77 29.27
N ALA C 97 -12.66 -14.13 28.97
CA ALA C 97 -12.99 -15.47 28.49
C ALA C 97 -13.20 -15.50 26.98
N ALA C 98 -13.66 -14.41 26.39
CA ALA C 98 -13.94 -14.37 24.96
C ALA C 98 -14.03 -12.91 24.52
N ILE C 99 -13.86 -12.70 23.23
CA ILE C 99 -13.93 -11.36 22.63
C ILE C 99 -14.70 -11.46 21.33
N SER C 100 -15.51 -10.45 21.04
CA SER C 100 -16.16 -10.28 19.75
C SER C 100 -15.75 -8.95 19.16
N MET C 101 -15.48 -8.93 17.86
CA MET C 101 -15.16 -7.72 17.12
C MET C 101 -16.12 -7.66 15.94
N ALA C 102 -16.71 -6.49 15.71
CA ALA C 102 -17.72 -6.34 14.68
C ALA C 102 -17.45 -5.10 13.85
N ASN C 103 -17.36 -5.28 12.53
CA ASN C 103 -17.05 -4.20 11.60
C ASN C 103 -18.09 -4.13 10.48
N THR D 1 -5.11 -34.84 -6.17
CA THR D 1 -5.07 -33.58 -5.37
C THR D 1 -5.97 -32.54 -6.01
N PRO D 2 -6.91 -31.99 -5.25
CA PRO D 2 -7.83 -31.01 -5.83
C PRO D 2 -7.14 -29.70 -6.14
N GLN D 3 -7.67 -28.99 -7.14
CA GLN D 3 -7.10 -27.74 -7.61
C GLN D 3 -7.84 -26.51 -7.10
N ASN D 4 -8.95 -26.68 -6.39
CA ASN D 4 -9.71 -25.55 -5.87
C ASN D 4 -10.55 -26.01 -4.69
N ILE D 5 -11.17 -25.04 -4.02
CA ILE D 5 -11.91 -25.33 -2.80
C ILE D 5 -13.13 -26.18 -3.08
N THR D 6 -13.76 -25.99 -4.25
CA THR D 6 -14.95 -26.77 -4.58
C THR D 6 -14.61 -28.25 -4.75
N ASP D 7 -13.55 -28.55 -5.51
CA ASP D 7 -13.13 -29.94 -5.67
C ASP D 7 -12.72 -30.54 -4.33
N LEU D 8 -12.03 -29.76 -3.50
CA LEU D 8 -11.62 -30.25 -2.19
C LEU D 8 -12.82 -30.58 -1.33
N CYS D 9 -13.86 -29.74 -1.36
CA CYS D 9 -15.02 -29.97 -0.52
C CYS D 9 -15.73 -31.26 -0.90
N ALA D 10 -15.78 -31.59 -2.19
CA ALA D 10 -16.47 -32.78 -2.64
C ALA D 10 -15.77 -34.07 -2.24
N GLU D 11 -14.54 -34.00 -1.72
CA GLU D 11 -13.84 -35.19 -1.28
C GLU D 11 -14.26 -35.65 0.11
N TYR D 12 -15.21 -34.97 0.75
CA TYR D 12 -15.63 -35.29 2.10
C TYR D 12 -17.14 -35.44 2.17
N HIS D 13 -17.58 -36.30 3.10
CA HIS D 13 -18.99 -36.41 3.42
C HIS D 13 -19.42 -35.23 4.29
N ASN D 14 -20.72 -34.94 4.25
CA ASN D 14 -21.33 -33.95 5.14
C ASN D 14 -20.72 -32.57 4.98
N THR D 15 -20.31 -32.21 3.76
CA THR D 15 -19.76 -30.89 3.48
C THR D 15 -20.65 -30.16 2.49
N GLN D 16 -20.50 -28.84 2.46
CA GLN D 16 -21.18 -28.00 1.48
C GLN D 16 -20.39 -26.71 1.29
N ILE D 17 -20.62 -26.08 0.15
CA ILE D 17 -19.96 -24.83 -0.22
C ILE D 17 -20.95 -23.69 0.03
N HIS D 18 -20.48 -22.65 0.75
CA HIS D 18 -21.18 -21.38 0.84
C HIS D 18 -20.38 -20.35 0.06
N THR D 19 -21.02 -19.66 -0.87
CA THR D 19 -20.39 -18.60 -1.66
C THR D 19 -20.84 -17.26 -1.07
N LEU D 20 -19.90 -16.55 -0.46
CA LEU D 20 -20.18 -15.28 0.22
C LEU D 20 -19.78 -14.07 -0.62
N ASN D 21 -18.57 -14.07 -1.18
CA ASN D 21 -18.02 -12.91 -1.88
C ASN D 21 -18.20 -11.64 -1.07
N ASP D 22 -17.78 -11.69 0.20
CA ASP D 22 -17.99 -10.58 1.11
C ASP D 22 -16.98 -10.68 2.24
N LYS D 23 -16.70 -9.54 2.86
CA LYS D 23 -15.83 -9.55 4.01
C LYS D 23 -16.57 -10.11 5.23
N ILE D 24 -15.82 -10.34 6.30
CA ILE D 24 -16.37 -10.90 7.53
C ILE D 24 -16.98 -9.78 8.36
N PHE D 25 -18.24 -9.98 8.78
CA PHE D 25 -18.91 -8.98 9.61
C PHE D 25 -18.33 -8.96 11.02
N SER D 26 -18.20 -10.12 11.64
CA SER D 26 -17.74 -10.19 13.02
C SER D 26 -16.81 -11.39 13.20
N TYR D 27 -15.83 -11.22 14.08
CA TYR D 27 -14.92 -12.28 14.48
C TYR D 27 -15.01 -12.43 16.00
N THR D 28 -15.34 -13.63 16.45
CA THR D 28 -15.42 -13.94 17.88
C THR D 28 -14.42 -15.05 18.20
N GLU D 29 -13.84 -14.97 19.40
CA GLU D 29 -12.77 -15.89 19.81
C GLU D 29 -12.88 -16.15 21.30
N SER D 30 -12.74 -17.41 21.69
CA SER D 30 -12.92 -17.84 23.07
C SER D 30 -11.74 -18.66 23.54
N LEU D 31 -11.30 -18.39 24.77
CA LEU D 31 -10.29 -19.21 25.42
C LEU D 31 -10.85 -20.03 26.59
N ALA D 32 -12.16 -19.96 26.84
CA ALA D 32 -12.75 -20.68 27.94
C ALA D 32 -12.63 -22.19 27.71
N GLY D 33 -12.44 -22.92 28.80
CA GLY D 33 -12.23 -24.36 28.72
C GLY D 33 -13.38 -25.09 28.07
N LYS D 34 -13.07 -25.94 27.09
CA LYS D 34 -14.00 -26.73 26.30
C LYS D 34 -14.63 -25.89 25.20
N ARG D 35 -14.35 -24.59 25.13
CA ARG D 35 -14.84 -23.71 24.09
C ARG D 35 -13.71 -22.91 23.47
N GLU D 36 -12.55 -23.53 23.31
CA GLU D 36 -11.42 -22.90 22.62
C GLU D 36 -11.71 -22.94 21.12
N MET D 37 -12.45 -21.92 20.65
CA MET D 37 -12.98 -21.93 19.30
C MET D 37 -13.04 -20.51 18.75
N ALA D 38 -13.44 -20.40 17.49
CA ALA D 38 -13.69 -19.13 16.83
C ALA D 38 -15.03 -19.19 16.11
N ILE D 39 -15.73 -18.06 16.06
CA ILE D 39 -16.99 -17.93 15.36
C ILE D 39 -16.94 -16.66 14.51
N ILE D 40 -17.25 -16.79 13.23
CA ILE D 40 -17.35 -15.64 12.35
C ILE D 40 -18.77 -15.55 11.81
N THR D 41 -19.18 -14.34 11.45
CA THR D 41 -20.47 -14.11 10.82
C THR D 41 -20.29 -13.17 9.64
N PHE D 42 -21.21 -13.27 8.69
CA PHE D 42 -21.32 -12.34 7.59
C PHE D 42 -22.62 -11.55 7.72
N LYS D 43 -22.76 -10.55 6.86
CA LYS D 43 -23.82 -9.56 7.03
C LYS D 43 -25.20 -10.15 6.79
N ASN D 44 -25.29 -11.23 6.02
CA ASN D 44 -26.56 -11.87 5.71
C ASN D 44 -27.08 -12.76 6.82
N GLY D 45 -26.30 -12.94 7.90
CA GLY D 45 -26.69 -13.79 9.00
C GLY D 45 -25.89 -15.07 9.12
N ALA D 46 -25.19 -15.47 8.06
CA ALA D 46 -24.46 -16.73 8.07
C ALA D 46 -23.46 -16.76 9.22
N THR D 47 -23.42 -17.89 9.92
CA THR D 47 -22.58 -18.08 11.10
C THR D 47 -21.81 -19.39 10.94
N PHE D 48 -20.51 -19.33 11.20
CA PHE D 48 -19.63 -20.47 11.02
C PHE D 48 -18.64 -20.51 12.18
N GLN D 49 -18.19 -21.72 12.51
CA GLN D 49 -17.24 -21.92 13.60
C GLN D 49 -15.99 -22.61 13.09
N VAL D 50 -14.88 -22.39 13.80
CA VAL D 50 -13.74 -23.28 13.78
C VAL D 50 -13.84 -24.16 15.02
N GLU D 51 -14.04 -25.46 14.82
CA GLU D 51 -14.36 -26.36 15.91
C GLU D 51 -13.29 -26.33 17.00
N VAL D 52 -13.73 -26.61 18.23
CA VAL D 52 -12.81 -26.93 19.32
C VAL D 52 -12.01 -28.16 18.93
N PRO D 53 -10.68 -28.17 19.09
CA PRO D 53 -9.93 -29.41 18.81
C PRO D 53 -10.37 -30.52 19.74
N GLY D 54 -10.71 -31.66 19.15
CA GLY D 54 -11.13 -32.81 19.93
C GLY D 54 -10.64 -34.11 19.33
N SER D 55 -11.24 -35.22 19.76
CA SER D 55 -10.85 -36.53 19.25
C SER D 55 -11.29 -36.74 17.81
N GLN D 56 -12.27 -35.98 17.33
CA GLN D 56 -12.71 -36.13 15.94
C GLN D 56 -11.65 -35.63 14.95
N HIS D 57 -10.55 -35.09 15.44
CA HIS D 57 -9.51 -34.51 14.60
C HIS D 57 -8.25 -35.36 14.66
N ILE D 58 -7.65 -35.60 13.50
CA ILE D 58 -6.37 -36.28 13.46
C ILE D 58 -5.27 -35.28 13.76
N ASP D 59 -4.11 -35.79 14.17
CA ASP D 59 -3.02 -34.93 14.61
C ASP D 59 -2.65 -33.90 13.54
N SER D 60 -2.69 -34.29 12.27
CA SER D 60 -2.32 -33.37 11.21
C SER D 60 -3.23 -32.15 11.18
N GLN D 61 -4.48 -32.29 11.64
CA GLN D 61 -5.41 -31.18 11.62
C GLN D 61 -5.15 -30.14 12.70
N LYS D 62 -4.50 -30.54 13.81
CA LYS D 62 -4.33 -29.62 14.93
C LYS D 62 -3.62 -28.34 14.48
N LYS D 63 -2.48 -28.49 13.79
CA LYS D 63 -1.79 -27.31 13.26
C LYS D 63 -2.71 -26.52 12.34
N ALA D 64 -3.38 -27.21 11.41
CA ALA D 64 -4.24 -26.52 10.45
C ALA D 64 -5.38 -25.80 11.13
N ILE D 65 -5.90 -26.34 12.23
CA ILE D 65 -6.96 -25.66 12.97
C ILE D 65 -6.46 -24.32 13.49
N GLU D 66 -5.26 -24.31 14.07
CA GLU D 66 -4.71 -23.06 14.59
C GLU D 66 -4.45 -22.07 13.46
N ARG D 67 -3.95 -22.56 12.33
CA ARG D 67 -3.73 -21.68 11.18
C ARG D 67 -5.04 -21.04 10.72
N MET D 68 -6.10 -21.83 10.61
CA MET D 68 -7.38 -21.30 10.15
C MET D 68 -7.84 -20.15 11.04
N LYS D 69 -7.65 -20.27 12.35
CA LYS D 69 -8.04 -19.18 13.25
C LYS D 69 -7.16 -17.95 13.02
N ASP D 70 -5.86 -18.15 12.85
CA ASP D 70 -5.00 -17.05 12.43
C ASP D 70 -5.54 -16.38 11.17
N THR D 71 -5.96 -17.19 10.20
CA THR D 71 -6.35 -16.66 8.90
C THR D 71 -7.64 -15.85 9.00
N LEU D 72 -8.64 -16.40 9.69
CA LEU D 72 -9.90 -15.67 9.85
C LEU D 72 -9.66 -14.36 10.59
N ARG D 73 -8.85 -14.37 11.63
CA ARG D 73 -8.56 -13.14 12.38
C ARG D 73 -8.01 -12.06 11.45
N ILE D 74 -6.96 -12.38 10.70
CA ILE D 74 -6.32 -11.35 9.89
C ILE D 74 -7.18 -11.01 8.69
N ALA D 75 -7.93 -11.97 8.15
CA ALA D 75 -8.87 -11.66 7.08
C ALA D 75 -9.89 -10.63 7.55
N TYR D 76 -10.41 -10.81 8.78
CA TYR D 76 -11.39 -9.88 9.29
C TYR D 76 -10.81 -8.48 9.42
N LEU D 77 -9.65 -8.38 10.06
CA LEU D 77 -9.07 -7.07 10.34
C LEU D 77 -8.68 -6.35 9.06
N THR D 78 -8.32 -7.08 8.01
CA THR D 78 -7.98 -6.48 6.73
C THR D 78 -9.20 -6.32 5.82
N GLU D 79 -10.37 -6.77 6.28
CA GLU D 79 -11.59 -6.72 5.47
C GLU D 79 -11.40 -7.46 4.14
N ALA D 80 -10.64 -8.55 4.18
CA ALA D 80 -10.41 -9.33 2.97
C ALA D 80 -11.71 -10.01 2.53
N LYS D 81 -11.94 -10.00 1.23
CA LYS D 81 -13.11 -10.66 0.68
C LYS D 81 -12.93 -12.18 0.76
N VAL D 82 -13.86 -12.83 1.45
CA VAL D 82 -13.94 -14.29 1.45
C VAL D 82 -14.75 -14.70 0.23
N GLU D 83 -14.17 -15.54 -0.63
CA GLU D 83 -14.91 -16.05 -1.78
C GLU D 83 -15.89 -17.15 -1.34
N LYS D 84 -15.34 -18.30 -0.97
CA LYS D 84 -16.15 -19.46 -0.62
C LYS D 84 -15.64 -20.05 0.69
N LEU D 85 -16.54 -20.76 1.37
CA LEU D 85 -16.21 -21.53 2.56
C LEU D 85 -16.71 -22.95 2.36
N CYS D 86 -15.86 -23.93 2.64
CA CYS D 86 -16.26 -25.33 2.71
C CYS D 86 -16.50 -25.68 4.17
N VAL D 87 -17.69 -26.17 4.49
CA VAL D 87 -18.06 -26.42 5.87
C VAL D 87 -18.69 -27.79 6.01
N TRP D 88 -18.56 -28.36 7.20
CA TRP D 88 -19.30 -29.55 7.58
C TRP D 88 -20.69 -29.11 8.05
N ASN D 89 -21.73 -29.67 7.42
CA ASN D 89 -23.09 -29.28 7.72
C ASN D 89 -23.77 -30.20 8.72
N ASN D 90 -23.01 -31.12 9.34
CA ASN D 90 -23.51 -31.91 10.45
C ASN D 90 -23.16 -31.28 11.80
N LYS D 91 -22.73 -30.01 11.79
CA LYS D 91 -22.43 -29.25 12.98
C LYS D 91 -23.17 -27.92 12.92
N THR D 92 -23.54 -27.40 14.08
CA THR D 92 -24.18 -26.09 14.18
C THR D 92 -23.45 -25.26 15.22
N PRO D 93 -22.88 -24.09 14.87
CA PRO D 93 -22.81 -23.50 13.52
C PRO D 93 -22.07 -24.43 12.57
N HIS D 94 -22.28 -24.33 11.26
CA HIS D 94 -21.47 -25.11 10.33
C HIS D 94 -20.00 -24.87 10.61
N ALA D 95 -19.21 -25.94 10.50
CA ALA D 95 -17.81 -25.93 10.88
C ALA D 95 -16.94 -25.74 9.65
N ILE D 96 -15.98 -24.82 9.74
CA ILE D 96 -15.15 -24.50 8.59
C ILE D 96 -14.17 -25.62 8.32
N ALA D 97 -14.09 -26.05 7.06
CA ALA D 97 -13.07 -26.97 6.59
C ALA D 97 -12.05 -26.31 5.68
N ALA D 98 -12.47 -25.33 4.88
CA ALA D 98 -11.56 -24.66 3.96
C ALA D 98 -12.15 -23.29 3.62
N ILE D 99 -11.26 -22.37 3.28
CA ILE D 99 -11.64 -21.00 2.95
C ILE D 99 -10.88 -20.59 1.69
N SER D 100 -11.55 -19.83 0.82
CA SER D 100 -10.92 -19.22 -0.34
C SER D 100 -11.15 -17.72 -0.26
N MET D 101 -10.09 -16.94 -0.46
CA MET D 101 -10.16 -15.49 -0.57
C MET D 101 -9.73 -15.08 -1.97
N ALA D 102 -10.47 -14.17 -2.58
CA ALA D 102 -10.20 -13.80 -3.96
C ALA D 102 -10.39 -12.30 -4.14
N ASN D 103 -9.42 -11.67 -4.79
CA ASN D 103 -9.43 -10.23 -5.02
C ASN D 103 -10.59 -9.82 -5.92
N THR E 1 26.27 -23.53 -1.41
CA THR E 1 24.93 -22.99 -1.03
C THR E 1 24.40 -22.08 -2.15
N PRO E 2 23.15 -22.29 -2.56
CA PRO E 2 22.59 -21.44 -3.62
C PRO E 2 22.54 -19.98 -3.22
N GLN E 3 22.65 -19.11 -4.21
CA GLN E 3 22.66 -17.66 -3.99
C GLN E 3 21.32 -17.02 -4.33
N ASN E 4 20.44 -17.72 -5.03
CA ASN E 4 19.16 -17.17 -5.47
C ASN E 4 18.22 -18.34 -5.74
N ILE E 5 16.97 -18.01 -6.10
CA ILE E 5 15.96 -19.04 -6.24
C ILE E 5 16.22 -19.90 -7.47
N THR E 6 16.79 -19.32 -8.53
CA THR E 6 17.04 -20.09 -9.74
C THR E 6 18.13 -21.13 -9.51
N ASP E 7 19.24 -20.73 -8.89
CA ASP E 7 20.28 -21.70 -8.56
C ASP E 7 19.73 -22.77 -7.60
N LEU E 8 18.90 -22.38 -6.64
CA LEU E 8 18.33 -23.34 -5.71
C LEU E 8 17.47 -24.36 -6.46
N CYS E 9 16.60 -23.88 -7.36
CA CYS E 9 15.72 -24.78 -8.09
C CYS E 9 16.49 -25.76 -8.94
N ALA E 10 17.67 -25.36 -9.44
CA ALA E 10 18.48 -26.23 -10.27
C ALA E 10 18.98 -27.46 -9.52
N GLU E 11 19.01 -27.41 -8.18
CA GLU E 11 19.56 -28.50 -7.41
C GLU E 11 18.61 -29.69 -7.28
N TYR E 12 17.37 -29.57 -7.76
CA TYR E 12 16.38 -30.61 -7.59
C TYR E 12 15.87 -31.11 -8.94
N HIS E 13 15.56 -32.40 -8.96
CA HIS E 13 14.92 -33.00 -10.13
C HIS E 13 13.43 -32.70 -10.12
N ASN E 14 12.84 -32.64 -11.31
CA ASN E 14 11.41 -32.45 -11.48
C ASN E 14 10.94 -31.08 -10.99
N THR E 15 11.82 -30.08 -10.99
CA THR E 15 11.42 -28.72 -10.64
C THR E 15 11.64 -27.79 -11.83
N GLN E 16 10.97 -26.64 -11.76
CA GLN E 16 11.07 -25.63 -12.80
C GLN E 16 10.67 -24.28 -12.21
N ILE E 17 11.18 -23.22 -12.83
CA ILE E 17 10.92 -21.86 -12.38
C ILE E 17 9.76 -21.29 -13.20
N HIS E 18 8.77 -20.75 -12.50
CA HIS E 18 7.73 -19.93 -13.11
C HIS E 18 8.01 -18.48 -12.75
N THR E 19 8.08 -17.63 -13.77
CA THR E 19 8.34 -16.20 -13.57
C THR E 19 7.01 -15.46 -13.73
N LEU E 20 6.42 -15.06 -12.61
CA LEU E 20 5.09 -14.50 -12.57
C LEU E 20 5.11 -12.97 -12.58
N ASN E 21 5.96 -12.36 -11.74
CA ASN E 21 6.02 -10.92 -11.61
C ASN E 21 4.63 -10.32 -11.44
N ASP E 22 3.87 -10.88 -10.50
CA ASP E 22 2.48 -10.49 -10.31
C ASP E 22 2.06 -10.86 -8.89
N LYS E 23 1.01 -10.20 -8.42
CA LYS E 23 0.46 -10.51 -7.11
C LYS E 23 -0.40 -11.77 -7.18
N ILE E 24 -0.63 -12.36 -6.01
CA ILE E 24 -1.46 -13.56 -5.92
C ILE E 24 -2.91 -13.18 -6.14
N PHE E 25 -3.60 -13.94 -7.01
CA PHE E 25 -5.00 -13.62 -7.30
C PHE E 25 -5.94 -14.24 -6.27
N SER E 26 -5.66 -15.46 -5.80
CA SER E 26 -6.50 -16.09 -4.79
C SER E 26 -5.63 -16.88 -3.81
N TYR E 27 -6.12 -16.97 -2.58
CA TYR E 27 -5.49 -17.78 -1.54
C TYR E 27 -6.54 -18.71 -0.96
N THR E 28 -6.24 -20.01 -0.92
CA THR E 28 -7.16 -21.02 -0.41
C THR E 28 -6.43 -21.88 0.62
N GLU E 29 -7.13 -22.24 1.69
CA GLU E 29 -6.55 -22.91 2.84
C GLU E 29 -7.55 -23.91 3.39
N SER E 30 -7.06 -25.09 3.75
CA SER E 30 -7.91 -26.17 4.24
C SER E 30 -7.31 -26.80 5.49
N LEU E 31 -8.18 -27.16 6.43
CA LEU E 31 -7.79 -27.91 7.62
C LEU E 31 -8.37 -29.32 7.63
N ALA E 32 -9.15 -29.69 6.61
CA ALA E 32 -9.73 -31.03 6.58
C ALA E 32 -8.62 -32.08 6.60
N GLY E 33 -8.92 -33.21 7.24
CA GLY E 33 -7.90 -34.22 7.47
C GLY E 33 -7.39 -34.82 6.17
N LYS E 34 -6.08 -34.86 6.01
CA LYS E 34 -5.35 -35.38 4.85
C LYS E 34 -5.33 -34.35 3.71
N ARG E 35 -5.98 -33.20 3.88
CA ARG E 35 -5.95 -32.12 2.90
C ARG E 35 -5.56 -30.81 3.57
N GLU E 36 -4.66 -30.88 4.55
CA GLU E 36 -4.12 -29.69 5.22
C GLU E 36 -3.11 -29.07 4.28
N MET E 37 -3.60 -28.18 3.41
CA MET E 37 -2.81 -27.65 2.31
C MET E 37 -3.21 -26.21 2.04
N ALA E 38 -2.49 -25.57 1.13
CA ALA E 38 -2.86 -24.26 0.61
C ALA E 38 -2.77 -24.28 -0.91
N ILE E 39 -3.63 -23.48 -1.53
CA ILE E 39 -3.64 -23.34 -2.99
C ILE E 39 -3.68 -21.85 -3.32
N ILE E 40 -2.85 -21.43 -4.26
CA ILE E 40 -2.88 -20.06 -4.76
C ILE E 40 -3.12 -20.13 -6.27
N THR E 41 -3.64 -19.04 -6.81
CA THR E 41 -3.74 -18.86 -8.25
C THR E 41 -3.26 -17.45 -8.60
N PHE E 42 -3.03 -17.23 -9.89
CA PHE E 42 -2.67 -15.93 -10.42
C PHE E 42 -3.65 -15.54 -11.52
N LYS E 43 -3.61 -14.26 -11.88
CA LYS E 43 -4.53 -13.74 -12.90
C LYS E 43 -4.54 -14.61 -14.15
N ASN E 44 -3.35 -15.07 -14.57
CA ASN E 44 -3.22 -15.83 -15.80
C ASN E 44 -3.75 -17.25 -15.71
N GLY E 45 -4.27 -17.65 -14.55
CA GLY E 45 -4.82 -18.98 -14.38
C GLY E 45 -3.85 -19.98 -13.79
N ALA E 46 -2.59 -19.62 -13.59
CA ALA E 46 -1.63 -20.53 -12.98
C ALA E 46 -2.05 -20.86 -11.55
N THR E 47 -1.99 -22.15 -11.21
CA THR E 47 -2.44 -22.66 -9.92
C THR E 47 -1.33 -23.47 -9.28
N PHE E 48 -1.04 -23.20 -8.01
CA PHE E 48 0.03 -23.87 -7.29
C PHE E 48 -0.44 -24.23 -5.89
N GLN E 49 0.16 -25.27 -5.32
CA GLN E 49 -0.19 -25.76 -4.00
C GLN E 49 1.02 -25.75 -3.09
N VAL E 50 0.76 -25.73 -1.79
CA VAL E 50 1.72 -26.17 -0.78
C VAL E 50 1.24 -27.55 -0.35
N GLU E 51 2.06 -28.57 -0.63
CA GLU E 51 1.62 -29.95 -0.43
C GLU E 51 1.23 -30.20 1.02
N VAL E 52 0.37 -31.20 1.22
CA VAL E 52 0.16 -31.75 2.56
C VAL E 52 1.48 -32.31 3.08
N PRO E 53 1.82 -32.12 4.35
CA PRO E 53 3.04 -32.77 4.87
C PRO E 53 2.87 -34.28 4.84
N GLY E 54 3.85 -34.97 4.27
CA GLY E 54 3.79 -36.41 4.12
C GLY E 54 5.13 -37.10 4.24
N SER E 55 5.19 -38.36 3.79
CA SER E 55 6.43 -39.13 3.89
C SER E 55 7.49 -38.70 2.89
N GLN E 56 7.10 -37.99 1.82
CA GLN E 56 8.08 -37.47 0.89
C GLN E 56 8.95 -36.37 1.49
N HIS E 57 8.57 -35.81 2.63
CA HIS E 57 9.29 -34.73 3.25
C HIS E 57 10.20 -35.26 4.36
N ILE E 58 11.30 -34.54 4.59
CA ILE E 58 12.21 -34.87 5.67
C ILE E 58 11.91 -33.94 6.84
N ASP E 59 12.40 -34.32 8.03
CA ASP E 59 12.04 -33.61 9.25
C ASP E 59 12.34 -32.12 9.13
N SER E 60 13.48 -31.77 8.54
CA SER E 60 13.85 -30.36 8.44
C SER E 60 12.83 -29.53 7.67
N GLN E 61 11.99 -30.16 6.84
CA GLN E 61 11.06 -29.40 6.03
C GLN E 61 9.80 -29.00 6.78
N LYS E 62 9.52 -29.61 7.93
CA LYS E 62 8.21 -29.45 8.55
C LYS E 62 7.93 -27.99 8.90
N LYS E 63 8.87 -27.31 9.54
CA LYS E 63 8.65 -25.91 9.88
C LYS E 63 8.58 -25.05 8.61
N ALA E 64 9.38 -25.40 7.61
CA ALA E 64 9.43 -24.60 6.38
C ALA E 64 8.09 -24.66 5.64
N ILE E 65 7.44 -25.82 5.66
CA ILE E 65 6.14 -25.95 5.01
C ILE E 65 5.14 -25.00 5.66
N GLU E 66 5.14 -24.93 6.99
CA GLU E 66 4.25 -24.01 7.68
C GLU E 66 4.60 -22.56 7.37
N ARG E 67 5.89 -22.24 7.36
CA ARG E 67 6.30 -20.87 7.04
C ARG E 67 5.81 -20.47 5.65
N MET E 68 5.98 -21.35 4.66
CA MET E 68 5.59 -21.04 3.29
C MET E 68 4.11 -20.66 3.21
N LYS E 69 3.25 -21.41 3.90
CA LYS E 69 1.83 -21.05 3.91
C LYS E 69 1.60 -19.71 4.60
N ASP E 70 2.34 -19.44 5.68
CA ASP E 70 2.29 -18.09 6.27
C ASP E 70 2.69 -17.06 5.21
N THR E 71 3.79 -17.31 4.50
CA THR E 71 4.30 -16.34 3.53
C THR E 71 3.29 -16.07 2.43
N LEU E 72 2.65 -17.11 1.91
CA LEU E 72 1.70 -16.91 0.83
C LEU E 72 0.48 -16.13 1.30
N ARG E 73 0.02 -16.39 2.53
CA ARG E 73 -1.15 -15.70 3.05
C ARG E 73 -0.87 -14.20 3.17
N ILE E 74 0.23 -13.84 3.81
CA ILE E 74 0.51 -12.42 3.99
C ILE E 74 0.90 -11.78 2.66
N ALA E 75 1.55 -12.52 1.77
CA ALA E 75 1.80 -12.01 0.44
C ALA E 75 0.50 -11.67 -0.28
N TYR E 76 -0.49 -12.57 -0.20
CA TYR E 76 -1.78 -12.30 -0.81
C TYR E 76 -2.41 -11.05 -0.23
N LEU E 77 -2.45 -10.96 1.11
CA LEU E 77 -3.17 -9.89 1.77
C LEU E 77 -2.49 -8.53 1.63
N THR E 78 -1.19 -8.50 1.39
CA THR E 78 -0.50 -7.25 1.09
C THR E 78 -0.45 -6.92 -0.39
N GLU E 79 -0.92 -7.83 -1.25
CA GLU E 79 -0.82 -7.66 -2.70
C GLU E 79 0.65 -7.51 -3.11
N ALA E 80 1.51 -8.29 -2.48
CA ALA E 80 2.93 -8.27 -2.81
C ALA E 80 3.19 -8.97 -4.13
N LYS E 81 4.06 -8.38 -4.94
CA LYS E 81 4.46 -8.98 -6.21
C LYS E 81 5.39 -10.15 -5.95
N VAL E 82 5.02 -11.35 -6.39
CA VAL E 82 5.94 -12.47 -6.34
C VAL E 82 6.67 -12.54 -7.68
N GLU E 83 7.99 -12.67 -7.61
CA GLU E 83 8.83 -12.71 -8.80
C GLU E 83 8.81 -14.08 -9.45
N LYS E 84 9.31 -15.08 -8.74
CA LYS E 84 9.41 -16.44 -9.25
C LYS E 84 8.90 -17.44 -8.24
N LEU E 85 8.47 -18.58 -8.75
CA LEU E 85 8.19 -19.77 -7.95
C LEU E 85 8.99 -20.93 -8.50
N CYS E 86 9.62 -21.70 -7.60
CA CYS E 86 10.22 -22.98 -7.93
C CYS E 86 9.22 -24.05 -7.53
N VAL E 87 8.74 -24.84 -8.50
CA VAL E 87 7.67 -25.79 -8.26
C VAL E 87 8.08 -27.16 -8.78
N TRP E 88 7.60 -28.20 -8.08
CA TRP E 88 7.67 -29.56 -8.58
C TRP E 88 6.58 -29.76 -9.62
N ASN E 89 6.98 -30.04 -10.86
CA ASN E 89 6.02 -30.17 -11.96
C ASN E 89 5.48 -31.59 -12.11
N ASN E 90 5.95 -32.54 -11.29
CA ASN E 90 5.38 -33.87 -11.27
C ASN E 90 4.21 -34.01 -10.30
N LYS E 91 3.72 -32.88 -9.76
CA LYS E 91 2.53 -32.85 -8.93
C LYS E 91 1.47 -32.00 -9.62
N THR E 92 0.21 -32.26 -9.27
CA THR E 92 -0.91 -31.46 -9.78
C THR E 92 -1.79 -31.05 -8.60
N PRO E 93 -1.96 -29.75 -8.33
CA PRO E 93 -1.28 -28.59 -8.95
C PRO E 93 0.22 -28.68 -8.69
N HIS E 94 1.04 -28.06 -9.53
CA HIS E 94 2.47 -27.98 -9.24
C HIS E 94 2.70 -27.53 -7.80
N ALA E 95 3.66 -28.16 -7.15
CA ALA E 95 3.90 -27.99 -5.73
C ALA E 95 5.06 -27.03 -5.51
N ILE E 96 4.86 -26.05 -4.63
CA ILE E 96 5.84 -24.99 -4.43
C ILE E 96 6.99 -25.52 -3.58
N ALA E 97 8.22 -25.27 -4.05
CA ALA E 97 9.42 -25.51 -3.27
C ALA E 97 10.05 -24.24 -2.74
N ALA E 98 9.95 -23.14 -3.48
CA ALA E 98 10.59 -21.90 -3.09
C ALA E 98 9.85 -20.74 -3.75
N ILE E 99 10.00 -19.56 -3.16
CA ILE E 99 9.36 -18.34 -3.65
C ILE E 99 10.35 -17.20 -3.51
N SER E 100 10.36 -16.31 -4.51
CA SER E 100 11.12 -15.08 -4.46
C SER E 100 10.17 -13.91 -4.66
N MET E 101 10.40 -12.83 -3.93
CA MET E 101 9.62 -11.61 -4.08
C MET E 101 10.58 -10.45 -4.30
N ALA E 102 10.30 -9.64 -5.32
CA ALA E 102 11.15 -8.50 -5.63
C ALA E 102 10.28 -7.37 -6.15
N ASN E 103 10.73 -6.14 -5.89
CA ASN E 103 10.06 -4.90 -6.31
C ASN E 103 9.97 -4.00 -5.06
N THR F 1 21.17 21.40 -29.27
CA THR F 1 20.27 20.89 -28.19
C THR F 1 21.03 19.86 -27.37
N PRO F 2 21.02 19.99 -26.04
CA PRO F 2 21.83 19.11 -25.21
C PRO F 2 21.26 17.70 -25.17
N GLN F 3 22.14 16.75 -24.88
CA GLN F 3 21.78 15.34 -24.76
C GLN F 3 21.74 14.86 -23.31
N ASN F 4 22.02 15.73 -22.34
CA ASN F 4 22.02 15.33 -20.94
C ASN F 4 21.96 16.57 -20.07
N ILE F 5 21.67 16.35 -18.78
CA ILE F 5 21.43 17.46 -17.88
C ILE F 5 22.70 18.29 -17.65
N THR F 6 23.87 17.66 -17.78
CA THR F 6 25.10 18.38 -17.50
C THR F 6 25.42 19.37 -18.61
N ASP F 7 25.24 18.96 -19.88
CA ASP F 7 25.49 19.87 -20.99
C ASP F 7 24.41 20.94 -21.09
N LEU F 8 23.17 20.61 -20.72
CA LEU F 8 22.12 21.62 -20.68
C LEU F 8 22.44 22.68 -19.63
N CYS F 9 22.84 22.25 -18.44
CA CYS F 9 23.16 23.21 -17.38
C CYS F 9 24.27 24.15 -17.80
N ALA F 10 25.23 23.65 -18.59
CA ALA F 10 26.36 24.46 -19.01
C ALA F 10 26.01 25.44 -20.12
N GLU F 11 24.81 25.40 -20.66
CA GLU F 11 24.39 26.40 -21.64
C GLU F 11 23.96 27.70 -20.98
N TYR F 12 23.97 27.76 -19.66
CA TYR F 12 23.46 28.91 -18.93
C TYR F 12 24.54 29.51 -18.03
N HIS F 13 24.34 30.78 -17.71
CA HIS F 13 25.10 31.48 -16.69
C HIS F 13 24.32 31.43 -15.37
N ASN F 14 25.05 31.30 -14.27
CA ASN F 14 24.48 31.29 -12.92
C ASN F 14 23.80 29.97 -12.58
N THR F 15 24.24 28.88 -13.20
CA THR F 15 23.75 27.56 -12.85
C THR F 15 24.91 26.68 -12.38
N GLN F 16 24.56 25.60 -11.70
CA GLN F 16 25.53 24.60 -11.27
C GLN F 16 24.82 23.26 -11.20
N ILE F 17 25.57 22.19 -11.41
CA ILE F 17 25.06 20.84 -11.24
C ILE F 17 25.22 20.43 -9.79
N HIS F 18 24.16 19.86 -9.21
CA HIS F 18 24.22 19.16 -7.93
C HIS F 18 23.97 17.69 -8.21
N THR F 19 24.85 16.83 -7.69
CA THR F 19 24.71 15.38 -7.84
C THR F 19 24.28 14.81 -6.50
N LEU F 20 23.07 14.24 -6.47
CA LEU F 20 22.48 13.69 -5.26
C LEU F 20 22.48 12.18 -5.22
N ASN F 21 22.06 11.53 -6.32
CA ASN F 21 21.94 10.07 -6.38
C ASN F 21 21.23 9.53 -5.14
N ASP F 22 20.08 10.15 -4.84
CA ASP F 22 19.34 9.83 -3.62
C ASP F 22 17.88 10.20 -3.86
N LYS F 23 17.02 9.58 -3.06
CA LYS F 23 15.60 9.93 -3.12
C LYS F 23 15.34 11.17 -2.27
N ILE F 24 14.22 11.82 -2.55
CA ILE F 24 13.88 13.05 -1.85
C ILE F 24 13.50 12.73 -0.41
N PHE F 25 14.03 13.54 0.52
CA PHE F 25 13.77 13.30 1.93
C PHE F 25 12.46 13.93 2.39
N SER F 26 12.14 15.11 1.88
CA SER F 26 10.90 15.78 2.24
C SER F 26 10.42 16.62 1.07
N TYR F 27 9.09 16.74 0.96
CA TYR F 27 8.45 17.59 -0.04
C TYR F 27 7.51 18.56 0.70
N THR F 28 7.62 19.84 0.36
CA THR F 28 6.81 20.89 0.95
C THR F 28 6.24 21.76 -0.16
N GLU F 29 4.97 22.14 -0.02
CA GLU F 29 4.37 23.07 -0.98
C GLU F 29 3.44 24.04 -0.26
N SER F 30 3.29 25.21 -0.86
CA SER F 30 2.55 26.32 -0.29
C SER F 30 1.67 26.95 -1.35
N LEU F 31 0.45 27.30 -0.98
CA LEU F 31 -0.42 28.14 -1.80
C LEU F 31 -0.50 29.57 -1.24
N ALA F 32 0.22 29.87 -0.17
CA ALA F 32 0.11 31.17 0.47
C ALA F 32 0.57 32.29 -0.46
N GLY F 33 -0.13 33.42 -0.40
CA GLY F 33 0.12 34.52 -1.31
C GLY F 33 1.55 35.00 -1.37
N LYS F 34 2.12 35.03 -2.56
CA LYS F 34 3.49 35.42 -2.85
C LYS F 34 4.50 34.36 -2.44
N ARG F 35 4.04 33.20 -1.95
CA ARG F 35 4.91 32.07 -1.66
C ARG F 35 4.32 30.79 -2.26
N GLU F 36 3.78 30.89 -3.46
CA GLU F 36 3.24 29.73 -4.19
C GLU F 36 4.44 28.96 -4.75
N MET F 37 5.01 28.11 -3.89
CA MET F 37 6.27 27.45 -4.22
C MET F 37 6.31 26.03 -3.67
N ALA F 38 7.35 25.30 -4.08
CA ALA F 38 7.64 23.97 -3.58
C ALA F 38 9.08 23.92 -3.09
N ILE F 39 9.32 23.15 -2.05
CA ILE F 39 10.65 22.95 -1.47
C ILE F 39 10.88 21.46 -1.30
N ILE F 40 12.06 20.98 -1.71
CA ILE F 40 12.48 19.62 -1.44
C ILE F 40 13.81 19.66 -0.70
N THR F 41 14.04 18.66 0.15
CA THR F 41 15.33 18.50 0.79
C THR F 41 15.80 17.07 0.59
N PHE F 42 17.11 16.86 0.78
CA PHE F 42 17.73 15.55 0.82
C PHE F 42 18.39 15.36 2.17
N LYS F 43 18.57 14.09 2.56
CA LYS F 43 19.05 13.78 3.90
C LYS F 43 20.44 14.35 4.17
N ASN F 44 21.19 14.71 3.14
CA ASN F 44 22.48 15.36 3.36
C ASN F 44 22.35 16.86 3.59
N GLY F 45 21.12 17.37 3.72
CA GLY F 45 20.87 18.76 3.99
C GLY F 45 20.54 19.61 2.80
N ALA F 46 20.83 19.13 1.59
CA ALA F 46 20.63 19.92 0.39
C ALA F 46 19.15 20.29 0.24
N THR F 47 18.90 21.57 -0.01
CA THR F 47 17.56 22.14 -0.09
C THR F 47 17.42 22.87 -1.41
N PHE F 48 16.29 22.66 -2.09
CA PHE F 48 16.03 23.29 -3.37
C PHE F 48 14.57 23.70 -3.46
N GLN F 49 14.30 24.68 -4.32
CA GLN F 49 12.96 25.19 -4.55
C GLN F 49 12.61 25.16 -6.02
N VAL F 50 11.31 25.08 -6.30
CA VAL F 50 10.76 25.51 -7.58
C VAL F 50 10.21 26.92 -7.35
N GLU F 51 10.76 27.90 -8.04
CA GLU F 51 10.49 29.30 -7.75
C GLU F 51 9.01 29.62 -7.89
N VAL F 52 8.61 30.69 -7.23
CA VAL F 52 7.28 31.29 -7.45
C VAL F 52 7.22 31.83 -8.87
N PRO F 53 6.17 31.54 -9.65
CA PRO F 53 6.10 32.07 -11.00
C PRO F 53 6.07 33.59 -10.99
N GLY F 54 6.77 34.20 -11.94
CA GLY F 54 6.83 35.64 -12.02
C GLY F 54 6.76 36.17 -13.45
N SER F 55 7.19 37.42 -13.63
CA SER F 55 7.19 38.04 -14.95
C SER F 55 8.47 37.76 -15.72
N GLN F 56 9.57 37.45 -15.04
CA GLN F 56 10.77 37.01 -15.75
C GLN F 56 10.52 35.68 -16.46
N HIS F 57 9.74 34.80 -15.84
CA HIS F 57 9.37 33.54 -16.47
C HIS F 57 8.50 33.83 -17.68
N ILE F 58 8.80 33.17 -18.79
CA ILE F 58 8.36 33.61 -20.11
C ILE F 58 7.25 32.69 -20.60
N ASP F 59 7.34 32.25 -21.85
CA ASP F 59 6.27 31.52 -22.51
C ASP F 59 6.01 30.16 -21.90
N SER F 60 6.53 29.11 -22.54
CA SER F 60 6.29 27.73 -22.12
C SER F 60 6.93 27.41 -20.76
N GLN F 61 7.63 28.40 -20.20
CA GLN F 61 8.22 28.19 -18.87
C GLN F 61 7.15 28.00 -17.81
N LYS F 62 5.98 28.61 -18.00
CA LYS F 62 4.91 28.51 -17.00
C LYS F 62 4.43 27.08 -16.87
N LYS F 63 4.14 26.42 -17.98
CA LYS F 63 3.78 25.01 -17.93
C LYS F 63 4.90 24.19 -17.30
N ALA F 64 6.15 24.49 -17.68
CA ALA F 64 7.28 23.68 -17.21
C ALA F 64 7.51 23.85 -15.72
N ILE F 65 7.21 25.02 -15.17
CA ILE F 65 7.30 25.21 -13.72
C ILE F 65 6.28 24.34 -13.02
N GLU F 66 5.03 24.34 -13.51
CA GLU F 66 4.01 23.48 -12.92
C GLU F 66 4.36 22.02 -13.09
N ARG F 67 4.86 21.65 -14.28
CA ARG F 67 5.27 20.27 -14.50
C ARG F 67 6.34 19.86 -13.48
N MET F 68 7.29 20.75 -13.22
CA MET F 68 8.39 20.38 -12.31
C MET F 68 7.86 20.10 -10.90
N LYS F 69 6.91 20.89 -10.44
CA LYS F 69 6.30 20.61 -9.14
C LYS F 69 5.54 19.29 -9.16
N ASP F 70 4.80 19.02 -10.24
CA ASP F 70 4.20 17.71 -10.37
C ASP F 70 5.24 16.61 -10.27
N THR F 71 6.37 16.80 -10.97
CA THR F 71 7.41 15.78 -11.02
C THR F 71 8.03 15.55 -9.65
N LEU F 72 8.37 16.62 -8.95
CA LEU F 72 8.97 16.47 -7.63
C LEU F 72 8.03 15.76 -6.68
N ARG F 73 6.73 16.08 -6.74
CA ARG F 73 5.78 15.45 -5.83
C ARG F 73 5.73 13.95 -6.05
N ILE F 74 5.65 13.52 -7.32
CA ILE F 74 5.50 12.10 -7.59
C ILE F 74 6.83 11.39 -7.40
N ALA F 75 7.96 12.05 -7.63
CA ALA F 75 9.25 11.45 -7.33
C ALA F 75 9.37 11.20 -5.83
N TYR F 76 8.93 12.16 -5.02
CA TYR F 76 8.94 11.94 -3.57
C TYR F 76 8.09 10.74 -3.20
N LEU F 77 6.86 10.68 -3.71
CA LEU F 77 5.93 9.64 -3.30
C LEU F 77 6.39 8.25 -3.75
N THR F 78 7.00 8.17 -4.93
CA THR F 78 7.53 6.90 -5.42
C THR F 78 8.93 6.61 -4.91
N GLU F 79 9.52 7.51 -4.12
CA GLU F 79 10.88 7.35 -3.62
C GLU F 79 11.85 7.12 -4.78
N ALA F 80 11.64 7.86 -5.87
CA ALA F 80 12.50 7.73 -7.03
C ALA F 80 13.86 8.38 -6.75
N LYS F 81 14.92 7.73 -7.23
CA LYS F 81 16.26 8.26 -7.06
C LYS F 81 16.48 9.45 -7.98
N VAL F 82 16.90 10.57 -7.41
CA VAL F 82 17.27 11.75 -8.17
C VAL F 82 18.77 11.68 -8.44
N GLU F 83 19.14 11.71 -9.72
CA GLU F 83 20.57 11.70 -10.06
C GLU F 83 21.18 13.07 -9.83
N LYS F 84 20.78 14.05 -10.64
CA LYS F 84 21.36 15.38 -10.63
C LYS F 84 20.27 16.43 -10.70
N LEU F 85 20.58 17.62 -10.18
CA LEU F 85 19.75 18.80 -10.38
C LEU F 85 20.61 19.89 -11.00
N CYS F 86 20.09 20.53 -12.04
CA CYS F 86 20.62 21.81 -12.51
C CYS F 86 19.82 22.91 -11.81
N VAL F 87 20.53 23.82 -11.13
CA VAL F 87 19.89 24.83 -10.31
C VAL F 87 20.51 26.18 -10.58
N TRP F 88 19.69 27.23 -10.47
CA TRP F 88 20.20 28.59 -10.47
C TRP F 88 20.67 28.91 -9.05
N ASN F 89 21.95 29.23 -8.91
CA ASN F 89 22.56 29.41 -7.60
C ASN F 89 22.63 30.86 -7.16
N ASN F 90 22.02 31.78 -7.92
CA ASN F 90 21.87 33.16 -7.46
C ASN F 90 20.65 33.34 -6.56
N LYS F 91 19.92 32.26 -6.28
CA LYS F 91 18.77 32.27 -5.38
C LYS F 91 19.01 31.27 -4.26
N THR F 92 18.35 31.51 -3.14
CA THR F 92 18.39 30.60 -1.99
C THR F 92 16.98 30.43 -1.48
N PRO F 93 16.44 29.20 -1.41
CA PRO F 93 17.06 27.92 -1.81
C PRO F 93 17.44 27.94 -3.29
N HIS F 94 18.49 27.22 -3.68
CA HIS F 94 18.82 27.08 -5.09
C HIS F 94 17.57 26.70 -5.87
N ALA F 95 17.40 27.33 -7.03
CA ALA F 95 16.17 27.22 -7.81
C ALA F 95 16.36 26.19 -8.91
N ILE F 96 15.53 25.17 -8.92
CA ILE F 96 15.68 24.07 -9.87
C ILE F 96 15.35 24.56 -11.27
N ALA F 97 16.25 24.26 -12.21
CA ALA F 97 16.02 24.45 -13.64
C ALA F 97 15.80 23.14 -14.37
N ALA F 98 16.41 22.05 -13.92
CA ALA F 98 16.23 20.74 -14.54
C ALA F 98 16.55 19.66 -13.53
N ILE F 99 16.05 18.47 -13.80
CA ILE F 99 16.21 17.31 -12.93
C ILE F 99 16.49 16.10 -13.80
N SER F 100 17.28 15.16 -13.26
CA SER F 100 17.52 13.88 -13.90
C SER F 100 17.30 12.77 -12.89
N MET F 101 16.60 11.72 -13.32
CA MET F 101 16.36 10.54 -12.51
C MET F 101 16.89 9.33 -13.26
N ALA F 102 17.67 8.50 -12.57
CA ALA F 102 18.24 7.30 -13.16
C ALA F 102 18.17 6.21 -12.10
N ASN F 103 17.63 5.05 -12.48
CA ASN F 103 17.45 3.96 -11.52
C ASN F 103 18.73 3.72 -10.74
N THR G 1 -6.19 7.76 -41.70
CA THR G 1 -5.71 7.63 -40.30
C THR G 1 -4.84 6.40 -40.14
N PRO G 2 -3.64 6.55 -39.57
CA PRO G 2 -2.80 5.36 -39.34
C PRO G 2 -3.44 4.42 -38.34
N GLN G 3 -3.14 3.13 -38.52
CA GLN G 3 -3.65 2.08 -37.65
C GLN G 3 -2.68 1.72 -36.53
N ASN G 4 -1.44 2.17 -36.63
CA ASN G 4 -0.39 1.79 -35.69
C ASN G 4 0.76 2.78 -35.85
N ILE G 5 1.77 2.64 -34.99
CA ILE G 5 2.87 3.61 -35.00
C ILE G 5 3.71 3.49 -36.27
N THR G 6 3.79 2.30 -36.86
CA THR G 6 4.57 2.13 -38.08
C THR G 6 3.94 2.88 -39.24
N ASP G 7 2.63 2.73 -39.43
CA ASP G 7 1.93 3.52 -40.44
C ASP G 7 2.16 5.01 -40.23
N LEU G 8 1.93 5.48 -39.00
CA LEU G 8 2.09 6.90 -38.72
C LEU G 8 3.49 7.38 -39.04
N CYS G 9 4.51 6.60 -38.69
CA CYS G 9 5.87 7.02 -38.96
C CYS G 9 6.16 7.06 -40.46
N ALA G 10 5.52 6.19 -41.23
CA ALA G 10 5.74 6.15 -42.67
C ALA G 10 5.21 7.40 -43.37
N GLU G 11 4.34 8.17 -42.71
CA GLU G 11 3.81 9.37 -43.34
C GLU G 11 4.82 10.50 -43.45
N TYR G 12 5.96 10.39 -42.76
CA TYR G 12 6.97 11.44 -42.72
C TYR G 12 8.27 10.90 -43.31
N HIS G 13 8.82 11.64 -44.28
CA HIS G 13 10.02 11.20 -44.96
C HIS G 13 11.26 11.30 -44.07
N ASN G 14 11.22 12.16 -43.04
CA ASN G 14 12.36 12.38 -42.18
C ASN G 14 12.17 11.80 -40.78
N THR G 15 11.32 10.80 -40.64
CA THR G 15 11.18 10.06 -39.40
C THR G 15 11.59 8.60 -39.62
N GLN G 16 11.90 7.93 -38.51
CA GLN G 16 12.24 6.51 -38.54
C GLN G 16 11.78 5.88 -37.23
N ILE G 17 11.60 4.56 -37.27
CA ILE G 17 11.22 3.80 -36.09
C ILE G 17 12.48 3.29 -35.41
N HIS G 18 12.53 3.44 -34.08
CA HIS G 18 13.51 2.75 -33.25
C HIS G 18 12.78 1.74 -32.38
N THR G 19 13.28 0.51 -32.35
CA THR G 19 12.74 -0.54 -31.49
C THR G 19 13.59 -0.60 -30.22
N LEU G 20 12.95 -0.41 -29.07
CA LEU G 20 13.64 -0.47 -27.78
C LEU G 20 13.33 -1.75 -27.01
N ASN G 21 12.06 -2.12 -26.92
CA ASN G 21 11.65 -3.27 -26.10
C ASN G 21 12.30 -3.21 -24.72
N ASP G 22 12.23 -2.03 -24.10
CA ASP G 22 12.95 -1.83 -22.84
C ASP G 22 12.35 -0.64 -22.10
N LYS G 23 12.53 -0.65 -20.78
CA LYS G 23 12.11 0.47 -19.96
C LYS G 23 13.09 1.64 -20.11
N ILE G 24 12.63 2.82 -19.74
CA ILE G 24 13.48 4.01 -19.81
C ILE G 24 14.55 3.91 -18.73
N PHE G 25 15.79 4.21 -19.11
CA PHE G 25 16.89 4.15 -18.15
C PHE G 25 17.02 5.45 -17.36
N SER G 26 16.89 6.60 -18.01
CA SER G 26 16.96 7.87 -17.32
C SER G 26 15.96 8.83 -17.92
N TYR G 27 15.37 9.67 -17.07
CA TYR G 27 14.39 10.67 -17.45
C TYR G 27 14.88 12.03 -16.96
N THR G 28 14.99 12.98 -17.88
CA THR G 28 15.49 14.31 -17.59
C THR G 28 14.49 15.35 -18.06
N GLU G 29 14.25 16.35 -17.22
CA GLU G 29 13.20 17.34 -17.43
C GLU G 29 13.75 18.71 -17.09
N SER G 30 13.45 19.69 -17.94
CA SER G 30 14.00 21.03 -17.79
C SER G 30 12.92 22.09 -17.96
N LEU G 31 12.97 23.10 -17.10
CA LEU G 31 12.09 24.26 -17.21
C LEU G 31 12.83 25.51 -17.65
N ALA G 32 14.14 25.43 -17.88
CA ALA G 32 14.92 26.61 -18.21
C ALA G 32 14.50 27.21 -19.54
N GLY G 33 14.66 28.52 -19.66
CA GLY G 33 14.21 29.21 -20.85
C GLY G 33 14.93 28.69 -22.09
N LYS G 34 14.14 28.51 -23.16
CA LYS G 34 14.57 27.98 -24.46
C LYS G 34 14.99 26.52 -24.37
N ARG G 35 14.85 25.87 -23.20
CA ARG G 35 15.15 24.46 -23.04
C ARG G 35 14.05 23.75 -22.24
N GLU G 36 12.79 24.18 -22.41
CA GLU G 36 11.66 23.50 -21.79
C GLU G 36 11.46 22.20 -22.55
N MET G 37 12.03 21.12 -22.02
CA MET G 37 12.11 19.88 -22.79
C MET G 37 12.30 18.70 -21.84
N ALA G 38 12.16 17.51 -22.41
CA ALA G 38 12.48 16.26 -21.73
C ALA G 38 13.50 15.49 -22.57
N ILE G 39 14.36 14.77 -21.87
CA ILE G 39 15.36 13.89 -22.49
C ILE G 39 15.28 12.54 -21.80
N ILE G 40 15.12 11.47 -22.57
CA ILE G 40 15.18 10.12 -22.02
C ILE G 40 16.35 9.38 -22.66
N THR G 41 16.89 8.40 -21.94
CA THR G 41 17.84 7.46 -22.49
C THR G 41 17.43 6.05 -22.12
N PHE G 42 17.98 5.09 -22.87
CA PHE G 42 17.83 3.67 -22.61
C PHE G 42 19.23 3.10 -22.36
N LYS G 43 19.29 1.93 -21.72
CA LYS G 43 20.57 1.41 -21.28
C LYS G 43 21.52 1.11 -22.44
N ASN G 44 21.00 0.87 -23.64
CA ASN G 44 21.88 0.70 -24.78
C ASN G 44 22.48 2.02 -25.26
N GLY G 45 22.17 3.14 -24.62
CA GLY G 45 22.74 4.43 -24.96
C GLY G 45 21.87 5.30 -25.83
N ALA G 46 20.78 4.75 -26.38
CA ALA G 46 19.90 5.55 -27.23
C ALA G 46 19.32 6.71 -26.45
N THR G 47 19.31 7.89 -27.07
CA THR G 47 18.89 9.13 -26.41
C THR G 47 17.90 9.86 -27.29
N PHE G 48 16.83 10.35 -26.68
CA PHE G 48 15.77 11.03 -27.41
C PHE G 48 15.24 12.21 -26.61
N GLN G 49 14.80 13.24 -27.33
CA GLN G 49 14.20 14.42 -26.75
C GLN G 49 12.71 14.50 -27.09
N VAL G 50 11.97 15.21 -26.25
CA VAL G 50 10.73 15.86 -26.65
C VAL G 50 11.06 17.32 -26.92
N GLU G 51 10.70 17.80 -28.10
CA GLU G 51 11.17 19.10 -28.56
C GLU G 51 10.70 20.22 -27.64
N VAL G 52 11.55 21.25 -27.52
CA VAL G 52 11.11 22.51 -26.93
C VAL G 52 9.95 23.07 -27.76
N PRO G 53 8.83 23.44 -27.15
CA PRO G 53 7.75 24.02 -27.96
C PRO G 53 8.15 25.37 -28.52
N GLY G 54 7.81 25.58 -29.79
CA GLY G 54 8.16 26.81 -30.48
C GLY G 54 7.13 27.22 -31.50
N SER G 55 7.43 28.24 -32.31
CA SER G 55 6.46 28.73 -33.26
C SER G 55 6.15 27.71 -34.36
N GLN G 56 7.01 26.72 -34.58
CA GLN G 56 6.73 25.71 -35.58
C GLN G 56 5.63 24.76 -35.16
N HIS G 57 5.23 24.78 -33.89
CA HIS G 57 4.23 23.85 -33.38
C HIS G 57 2.91 24.58 -33.21
N ILE G 58 1.89 24.14 -33.94
CA ILE G 58 0.53 24.66 -33.79
C ILE G 58 0.08 24.35 -32.37
N ASP G 59 -1.00 25.00 -31.92
CA ASP G 59 -1.41 24.89 -30.53
C ASP G 59 -1.78 23.46 -30.15
N SER G 60 -2.48 22.74 -31.04
CA SER G 60 -2.86 21.37 -30.71
C SER G 60 -1.64 20.49 -30.51
N GLN G 61 -0.55 20.74 -31.25
CA GLN G 61 0.67 19.97 -31.04
C GLN G 61 1.37 20.38 -29.75
N LYS G 62 1.31 21.66 -29.39
CA LYS G 62 1.88 22.08 -28.11
C LYS G 62 1.18 21.37 -26.96
N LYS G 63 -0.13 21.13 -27.09
CA LYS G 63 -0.84 20.38 -26.06
C LYS G 63 -0.38 18.93 -26.04
N ALA G 64 -0.23 18.31 -27.22
CA ALA G 64 0.23 16.92 -27.27
C ALA G 64 1.69 16.80 -26.83
N ILE G 65 2.48 17.86 -26.99
CA ILE G 65 3.85 17.83 -26.49
C ILE G 65 3.86 17.69 -24.97
N GLU G 66 2.98 18.45 -24.29
CA GLU G 66 2.88 18.31 -22.84
C GLU G 66 2.41 16.91 -22.45
N ARG G 67 1.48 16.34 -23.22
CA ARG G 67 1.03 15.00 -22.92
C ARG G 67 2.17 14.00 -23.06
N MET G 68 2.98 14.13 -24.12
CA MET G 68 4.07 13.20 -24.32
C MET G 68 5.01 13.19 -23.12
N LYS G 69 5.26 14.38 -22.54
CA LYS G 69 6.14 14.46 -21.38
C LYS G 69 5.47 13.84 -20.15
N ASP G 70 4.16 14.02 -20.00
CA ASP G 70 3.46 13.31 -18.94
C ASP G 70 3.61 11.79 -19.11
N THR G 71 3.50 11.32 -20.36
CA THR G 71 3.56 9.89 -20.63
C THR G 71 4.92 9.31 -20.32
N LEU G 72 5.98 9.99 -20.80
CA LEU G 72 7.34 9.50 -20.54
C LEU G 72 7.63 9.44 -19.06
N ARG G 73 7.17 10.43 -18.29
CA ARG G 73 7.47 10.45 -16.87
C ARG G 73 6.85 9.26 -16.15
N ILE G 74 5.55 9.01 -16.38
CA ILE G 74 4.90 7.90 -15.71
C ILE G 74 5.42 6.57 -16.25
N ALA G 75 5.75 6.52 -17.54
CA ALA G 75 6.37 5.31 -18.08
C ALA G 75 7.68 5.01 -17.39
N TYR G 76 8.51 6.03 -17.17
CA TYR G 76 9.77 5.83 -16.46
C TYR G 76 9.52 5.34 -15.04
N LEU G 77 8.57 5.98 -14.34
CA LEU G 77 8.38 5.68 -12.93
C LEU G 77 7.76 4.31 -12.70
N THR G 78 6.91 3.86 -13.63
CA THR G 78 6.32 2.54 -13.55
C THR G 78 7.19 1.48 -14.24
N GLU G 79 8.34 1.86 -14.78
CA GLU G 79 9.22 0.93 -15.49
C GLU G 79 8.48 0.24 -16.62
N ALA G 80 7.56 0.95 -17.26
CA ALA G 80 6.82 0.41 -18.39
C ALA G 80 7.76 0.18 -19.57
N LYS G 81 7.60 -0.96 -20.22
CA LYS G 81 8.44 -1.30 -21.37
C LYS G 81 8.01 -0.45 -22.58
N VAL G 82 8.95 0.29 -23.15
CA VAL G 82 8.72 1.04 -24.38
C VAL G 82 9.00 0.10 -25.55
N GLU G 83 8.02 -0.03 -26.45
CA GLU G 83 8.19 -0.91 -27.62
C GLU G 83 8.90 -0.14 -28.73
N LYS G 84 8.20 0.83 -29.33
CA LYS G 84 8.75 1.57 -30.46
C LYS G 84 8.69 3.07 -30.18
N LEU G 85 9.61 3.80 -30.80
CA LEU G 85 9.54 5.25 -30.90
C LEU G 85 9.62 5.64 -32.37
N CYS G 86 8.74 6.55 -32.79
CA CYS G 86 8.85 7.22 -34.07
C CYS G 86 9.47 8.59 -33.83
N VAL G 87 10.64 8.83 -34.42
CA VAL G 87 11.40 10.04 -34.15
C VAL G 87 11.74 10.75 -35.45
N TRP G 88 11.88 12.08 -35.36
CA TRP G 88 12.46 12.87 -36.44
C TRP G 88 13.98 12.76 -36.35
N ASN G 89 14.62 12.31 -37.43
CA ASN G 89 16.05 12.04 -37.44
C ASN G 89 16.88 13.19 -37.97
N ASN G 90 16.28 14.36 -38.20
CA ASN G 90 17.03 15.55 -38.55
C ASN G 90 17.23 16.48 -37.37
N LYS G 91 16.97 16.00 -36.15
CA LYS G 91 17.24 16.73 -34.92
C LYS G 91 18.18 15.89 -34.06
N THR G 92 19.04 16.56 -33.29
CA THR G 92 19.97 15.91 -32.39
C THR G 92 19.73 16.41 -30.96
N PRO G 93 19.30 15.54 -30.03
CA PRO G 93 18.94 14.12 -30.20
C PRO G 93 17.74 13.96 -31.14
N HIS G 94 17.48 12.75 -31.61
CA HIS G 94 16.26 12.50 -32.37
C HIS G 94 15.04 12.90 -31.54
N ALA G 95 14.08 13.54 -32.19
CA ALA G 95 12.92 14.12 -31.54
C ALA G 95 11.74 13.16 -31.65
N ILE G 96 11.06 12.93 -30.53
CA ILE G 96 9.99 11.95 -30.49
C ILE G 96 8.74 12.50 -31.15
N ALA G 97 8.18 11.74 -32.08
CA ALA G 97 6.88 12.02 -32.67
C ALA G 97 5.78 11.12 -32.13
N ALA G 98 6.10 9.88 -31.78
CA ALA G 98 5.10 8.96 -31.28
C ALA G 98 5.79 7.86 -30.50
N ILE G 99 5.01 7.22 -29.62
CA ILE G 99 5.51 6.15 -28.76
C ILE G 99 4.47 5.05 -28.68
N SER G 100 4.94 3.80 -28.62
CA SER G 100 4.07 2.65 -28.40
C SER G 100 4.62 1.83 -27.24
N MET G 101 3.72 1.42 -26.35
CA MET G 101 4.04 0.54 -25.24
C MET G 101 3.15 -0.70 -25.34
N ALA G 102 3.73 -1.86 -25.06
CA ALA G 102 2.98 -3.10 -25.17
C ALA G 102 3.24 -3.99 -23.96
N ASN G 103 2.21 -4.72 -23.56
CA ASN G 103 2.17 -5.47 -22.32
C ASN G 103 1.39 -6.76 -22.55
N THR H 1 -30.79 11.32 -19.76
CA THR H 1 -29.38 10.91 -19.49
C THR H 1 -29.26 9.41 -19.34
N PRO H 2 -28.32 8.79 -20.03
CA PRO H 2 -28.16 7.33 -19.93
C PRO H 2 -27.61 6.92 -18.57
N GLN H 3 -27.82 5.65 -18.26
CA GLN H 3 -27.42 5.07 -16.99
C GLN H 3 -26.27 4.09 -17.11
N ASN H 4 -25.88 3.72 -18.33
CA ASN H 4 -24.78 2.79 -18.55
C ASN H 4 -24.27 3.02 -19.96
N ILE H 5 -23.17 2.34 -20.29
CA ILE H 5 -22.51 2.59 -21.56
C ILE H 5 -23.38 2.11 -22.72
N THR H 6 -24.08 0.98 -22.54
CA THR H 6 -24.87 0.44 -23.62
C THR H 6 -25.99 1.39 -24.02
N ASP H 7 -26.71 1.94 -23.04
CA ASP H 7 -27.78 2.87 -23.36
C ASP H 7 -27.22 4.16 -23.96
N LEU H 8 -26.06 4.60 -23.46
CA LEU H 8 -25.43 5.79 -24.03
C LEU H 8 -25.07 5.56 -25.50
N CYS H 9 -24.47 4.41 -25.80
CA CYS H 9 -24.07 4.12 -27.17
C CYS H 9 -25.27 4.10 -28.11
N ALA H 10 -26.45 3.72 -27.59
CA ALA H 10 -27.65 3.66 -28.42
C ALA H 10 -28.22 5.04 -28.74
N GLU H 11 -27.73 6.10 -28.09
CA GLU H 11 -28.19 7.45 -28.37
C GLU H 11 -27.58 8.04 -29.64
N TYR H 12 -26.65 7.33 -30.27
CA TYR H 12 -25.92 7.84 -31.41
C TYR H 12 -26.09 6.91 -32.61
N HIS H 13 -26.03 7.49 -33.79
CA HIS H 13 -26.02 6.70 -35.01
C HIS H 13 -24.62 6.19 -35.30
N ASN H 14 -24.55 5.01 -35.92
CA ASN H 14 -23.30 4.44 -36.40
C ASN H 14 -22.33 4.14 -35.26
N THR H 15 -22.86 3.74 -34.11
CA THR H 15 -22.04 3.28 -33.00
C THR H 15 -22.35 1.82 -32.72
N GLN H 16 -21.47 1.20 -31.95
CA GLN H 16 -21.51 -0.23 -31.68
C GLN H 16 -20.79 -0.49 -30.38
N ILE H 17 -21.30 -1.43 -29.60
CA ILE H 17 -20.66 -1.83 -28.35
C ILE H 17 -19.72 -3.00 -28.64
N HIS H 18 -18.48 -2.87 -28.20
CA HIS H 18 -17.54 -3.98 -28.16
C HIS H 18 -17.37 -4.41 -26.71
N THR H 19 -17.52 -5.69 -26.45
CA THR H 19 -17.33 -6.24 -25.10
C THR H 19 -16.00 -6.99 -25.09
N LEU H 20 -15.02 -6.42 -24.37
CA LEU H 20 -13.68 -6.97 -24.29
C LEU H 20 -13.45 -7.80 -23.04
N ASN H 21 -13.81 -7.24 -21.87
CA ASN H 21 -13.48 -7.84 -20.58
C ASN H 21 -12.02 -8.31 -20.55
N ASP H 22 -11.13 -7.39 -20.93
CA ASP H 22 -9.71 -7.68 -20.99
C ASP H 22 -8.95 -6.39 -20.76
N LYS H 23 -7.71 -6.52 -20.30
CA LYS H 23 -6.86 -5.36 -20.17
C LYS H 23 -6.35 -4.94 -21.55
N ILE H 24 -5.84 -3.70 -21.62
CA ILE H 24 -5.31 -3.19 -22.87
C ILE H 24 -3.97 -3.84 -23.16
N PHE H 25 -3.76 -4.23 -24.40
CA PHE H 25 -2.51 -4.87 -24.81
C PHE H 25 -1.46 -3.84 -25.19
N SER H 26 -1.84 -2.76 -25.86
CA SER H 26 -0.87 -1.76 -26.29
C SER H 26 -1.49 -0.37 -26.25
N TYR H 27 -0.68 0.62 -25.88
CA TYR H 27 -1.04 2.02 -25.89
C TYR H 27 -0.05 2.76 -26.77
N THR H 28 -0.57 3.49 -27.76
CA THR H 28 0.24 4.27 -28.69
C THR H 28 -0.29 5.70 -28.71
N GLU H 29 0.63 6.66 -28.80
CA GLU H 29 0.32 8.08 -28.67
C GLU H 29 1.21 8.88 -29.62
N SER H 30 0.60 9.88 -30.27
CA SER H 30 1.29 10.70 -31.26
C SER H 30 1.13 12.17 -30.92
N LEU H 31 2.21 12.93 -31.06
CA LEU H 31 2.19 14.38 -30.88
C LEU H 31 2.36 15.12 -32.19
N ALA H 32 2.50 14.43 -33.31
CA ALA H 32 2.67 15.11 -34.59
C ALA H 32 1.48 16.04 -34.83
N GLY H 33 1.75 17.17 -35.47
CA GLY H 33 0.74 18.15 -35.77
C GLY H 33 -0.37 17.58 -36.63
N LYS H 34 -1.62 17.83 -36.26
CA LYS H 34 -2.80 17.31 -36.96
C LYS H 34 -2.94 15.81 -36.82
N ARG H 35 -2.10 15.16 -36.02
CA ARG H 35 -2.23 13.75 -35.72
C ARG H 35 -2.11 13.53 -34.21
N GLU H 36 -2.63 14.46 -33.43
CA GLU H 36 -2.62 14.36 -31.97
C GLU H 36 -3.67 13.33 -31.57
N MET H 37 -3.24 12.09 -31.36
CA MET H 37 -4.16 10.99 -31.14
C MET H 37 -3.52 9.91 -30.29
N ALA H 38 -4.37 8.97 -29.83
CA ALA H 38 -3.93 7.75 -29.16
C ALA H 38 -4.57 6.57 -29.85
N ILE H 39 -3.86 5.45 -29.86
CA ILE H 39 -4.35 4.19 -30.41
C ILE H 39 -4.12 3.09 -29.39
N ILE H 40 -5.15 2.29 -29.13
CA ILE H 40 -5.01 1.14 -28.25
C ILE H 40 -5.39 -0.11 -29.03
N THR H 41 -4.76 -1.23 -28.66
CA THR H 41 -5.15 -2.52 -29.19
C THR H 41 -5.34 -3.48 -28.03
N PHE H 42 -6.11 -4.52 -28.28
CA PHE H 42 -6.22 -5.66 -27.39
C PHE H 42 -5.50 -6.84 -28.03
N LYS H 43 -5.24 -7.86 -27.21
CA LYS H 43 -4.31 -8.89 -27.64
C LYS H 43 -4.76 -9.59 -28.91
N ASN H 44 -6.07 -9.70 -29.13
CA ASN H 44 -6.56 -10.31 -30.36
C ASN H 44 -6.39 -9.41 -31.58
N GLY H 45 -5.80 -8.23 -31.43
CA GLY H 45 -5.55 -7.34 -32.55
C GLY H 45 -6.57 -6.24 -32.72
N ALA H 46 -7.71 -6.31 -32.03
CA ALA H 46 -8.71 -5.25 -32.10
C ALA H 46 -8.04 -3.90 -31.82
N THR H 47 -8.34 -2.92 -32.67
CA THR H 47 -7.67 -1.63 -32.66
C THR H 47 -8.68 -0.50 -32.60
N PHE H 48 -8.44 0.46 -31.71
CA PHE H 48 -9.34 1.59 -31.52
C PHE H 48 -8.54 2.87 -31.35
N GLN H 49 -9.12 3.97 -31.80
CA GLN H 49 -8.47 5.26 -31.69
C GLN H 49 -9.27 6.21 -30.82
N VAL H 50 -8.58 7.20 -30.28
CA VAL H 50 -9.16 8.45 -29.81
C VAL H 50 -8.88 9.48 -30.91
N GLU H 51 -9.93 9.97 -31.54
CA GLU H 51 -9.76 10.75 -32.75
C GLU H 51 -9.05 12.08 -32.48
N VAL H 52 -8.31 12.55 -33.49
CA VAL H 52 -7.70 13.88 -33.43
C VAL H 52 -8.79 14.92 -33.23
N PRO H 53 -8.64 15.86 -32.30
CA PRO H 53 -9.64 16.92 -32.17
C PRO H 53 -9.79 17.71 -33.47
N GLY H 54 -11.03 17.87 -33.90
CA GLY H 54 -11.32 18.56 -35.14
C GLY H 54 -11.61 17.66 -36.33
N SER H 55 -11.49 16.35 -36.16
CA SER H 55 -11.79 15.39 -37.22
C SER H 55 -12.97 14.50 -36.85
N GLN H 56 -13.69 14.81 -35.78
CA GLN H 56 -14.83 14.02 -35.37
C GLN H 56 -16.07 14.40 -36.19
N HIS H 57 -16.93 13.41 -36.41
CA HIS H 57 -18.24 13.70 -36.99
C HIS H 57 -19.06 14.56 -36.04
N ILE H 58 -19.01 14.24 -34.74
CA ILE H 58 -19.68 14.99 -33.69
C ILE H 58 -18.61 15.52 -32.74
N ASP H 59 -18.54 16.84 -32.61
CA ASP H 59 -17.47 17.46 -31.84
C ASP H 59 -17.66 17.24 -30.34
N SER H 60 -16.64 16.68 -29.71
CA SER H 60 -16.60 16.60 -28.26
C SER H 60 -16.03 17.89 -27.69
N GLN H 61 -16.42 18.22 -26.46
CA GLN H 61 -15.64 19.16 -25.66
C GLN H 61 -14.18 18.68 -25.65
N LYS H 62 -13.26 19.61 -25.92
CA LYS H 62 -11.86 19.23 -26.08
C LYS H 62 -11.34 18.49 -24.86
N LYS H 63 -11.69 18.96 -23.67
CA LYS H 63 -11.16 18.34 -22.45
C LYS H 63 -11.58 16.89 -22.33
N ALA H 64 -12.75 16.53 -22.85
CA ALA H 64 -13.19 15.14 -22.77
C ALA H 64 -12.34 14.24 -23.66
N ILE H 65 -11.87 14.75 -24.80
CA ILE H 65 -10.94 13.98 -25.62
C ILE H 65 -9.63 13.76 -24.88
N GLU H 66 -9.11 14.83 -24.27
CA GLU H 66 -7.85 14.71 -23.53
C GLU H 66 -8.00 13.78 -22.33
N ARG H 67 -9.15 13.86 -21.64
CA ARG H 67 -9.39 12.97 -20.51
C ARG H 67 -9.40 11.51 -20.97
N MET H 68 -10.06 11.22 -22.08
CA MET H 68 -10.14 9.84 -22.55
C MET H 68 -8.76 9.27 -22.85
N LYS H 69 -7.87 10.07 -23.43
CA LYS H 69 -6.51 9.58 -23.67
C LYS H 69 -5.77 9.37 -22.35
N ASP H 70 -6.02 10.23 -21.36
CA ASP H 70 -5.45 10.00 -20.03
C ASP H 70 -5.98 8.70 -19.43
N THR H 71 -7.29 8.48 -19.54
CA THR H 71 -7.90 7.27 -18.97
C THR H 71 -7.34 6.02 -19.64
N LEU H 72 -7.18 6.05 -20.95
CA LEU H 72 -6.63 4.90 -21.65
C LEU H 72 -5.19 4.64 -21.21
N ARG H 73 -4.37 5.69 -21.09
CA ARG H 73 -2.98 5.51 -20.68
C ARG H 73 -2.89 4.84 -19.31
N ILE H 74 -3.66 5.35 -18.34
CA ILE H 74 -3.52 4.85 -16.98
C ILE H 74 -4.14 3.46 -16.85
N ALA H 75 -5.29 3.24 -17.50
CA ALA H 75 -5.85 1.89 -17.55
C ALA H 75 -4.82 0.90 -18.08
N TYR H 76 -4.12 1.28 -19.16
CA TYR H 76 -3.09 0.39 -19.69
C TYR H 76 -2.03 0.09 -18.63
N LEU H 77 -1.55 1.13 -17.95
CA LEU H 77 -0.43 0.95 -17.03
C LEU H 77 -0.84 0.18 -15.78
N THR H 78 -2.09 0.30 -15.36
CA THR H 78 -2.58 -0.45 -14.21
C THR H 78 -3.12 -1.82 -14.58
N GLU H 79 -3.07 -2.19 -15.87
CA GLU H 79 -3.64 -3.45 -16.34
C GLU H 79 -5.12 -3.57 -15.98
N ALA H 80 -5.81 -2.43 -15.90
CA ALA H 80 -7.23 -2.43 -15.60
C ALA H 80 -8.01 -3.16 -16.69
N LYS H 81 -8.92 -4.04 -16.26
CA LYS H 81 -9.81 -4.72 -17.19
C LYS H 81 -10.86 -3.74 -17.72
N VAL H 82 -10.98 -3.61 -19.04
CA VAL H 82 -12.04 -2.82 -19.64
C VAL H 82 -13.19 -3.76 -19.99
N GLU H 83 -14.41 -3.34 -19.66
CA GLU H 83 -15.59 -4.16 -19.92
C GLU H 83 -16.08 -3.96 -21.35
N LYS H 84 -16.43 -2.73 -21.70
CA LYS H 84 -17.01 -2.43 -22.99
C LYS H 84 -16.42 -1.13 -23.54
N LEU H 85 -16.39 -1.03 -24.86
CA LEU H 85 -16.12 0.20 -25.56
C LEU H 85 -17.35 0.55 -26.40
N CYS H 86 -17.72 1.83 -26.39
CA CYS H 86 -18.66 2.38 -27.36
C CYS H 86 -17.85 3.09 -28.43
N VAL H 87 -17.96 2.63 -29.67
CA VAL H 87 -17.12 3.12 -30.75
C VAL H 87 -17.96 3.48 -31.95
N TRP H 88 -17.54 4.53 -32.65
CA TRP H 88 -18.06 4.83 -33.97
C TRP H 88 -17.43 3.85 -34.96
N ASN H 89 -18.25 3.05 -35.64
CA ASN H 89 -17.75 2.02 -36.53
C ASN H 89 -17.62 2.48 -37.97
N ASN H 90 -17.91 3.75 -38.27
CA ASN H 90 -17.68 4.31 -39.59
C ASN H 90 -16.30 4.94 -39.74
N LYS H 91 -15.49 4.95 -38.69
CA LYS H 91 -14.11 5.41 -38.76
C LYS H 91 -13.17 4.21 -38.64
N THR H 92 -11.97 4.36 -39.20
CA THR H 92 -10.95 3.32 -39.20
C THR H 92 -9.64 3.89 -38.66
N PRO H 93 -9.14 3.44 -37.50
CA PRO H 93 -9.72 2.44 -36.58
C PRO H 93 -11.06 2.90 -36.02
N HIS H 94 -11.88 1.99 -35.50
CA HIS H 94 -13.09 2.40 -34.80
C HIS H 94 -12.74 3.41 -33.72
N ALA H 95 -13.50 4.51 -33.67
CA ALA H 95 -13.20 5.64 -32.81
C ALA H 95 -13.94 5.50 -31.49
N ILE H 96 -13.21 5.67 -30.39
CA ILE H 96 -13.80 5.47 -29.07
C ILE H 96 -14.72 6.64 -28.73
N ALA H 97 -15.95 6.32 -28.35
CA ALA H 97 -16.88 7.29 -27.78
C ALA H 97 -17.00 7.16 -26.27
N ALA H 98 -16.90 5.94 -25.75
CA ALA H 98 -17.05 5.72 -24.32
C ALA H 98 -16.36 4.43 -23.94
N ILE H 99 -15.98 4.34 -22.67
CA ILE H 99 -15.35 3.16 -22.10
C ILE H 99 -16.01 2.87 -20.75
N SER H 100 -16.09 1.59 -20.42
CA SER H 100 -16.55 1.16 -19.10
C SER H 100 -15.55 0.16 -18.54
N MET H 101 -15.33 0.24 -17.23
CA MET H 101 -14.40 -0.64 -16.51
C MET H 101 -15.08 -1.15 -15.25
N ALA H 102 -15.03 -2.46 -15.02
CA ALA H 102 -15.72 -3.09 -13.91
C ALA H 102 -14.79 -4.00 -13.13
N ASN H 103 -14.94 -3.99 -11.80
CA ASN H 103 -14.06 -4.69 -10.89
C ASN H 103 -14.87 -5.44 -9.83
N THR I 1 -18.70 27.91 7.04
CA THR I 1 -18.14 26.85 6.15
C THR I 1 -18.41 25.47 6.76
N PRO I 2 -18.92 24.54 5.97
CA PRO I 2 -19.26 23.22 6.52
C PRO I 2 -18.02 22.42 6.90
N GLN I 3 -18.20 21.56 7.90
CA GLN I 3 -17.10 20.77 8.43
C GLN I 3 -16.99 19.39 7.78
N ASN I 4 -18.05 18.90 7.16
CA ASN I 4 -18.06 17.57 6.59
C ASN I 4 -19.01 17.55 5.39
N ILE I 5 -19.07 16.39 4.72
CA ILE I 5 -19.89 16.28 3.52
C ILE I 5 -21.36 16.46 3.86
N THR I 6 -21.79 15.93 5.00
CA THR I 6 -23.20 15.97 5.37
C THR I 6 -23.66 17.40 5.59
N ASP I 7 -22.89 18.17 6.38
CA ASP I 7 -23.22 19.57 6.58
C ASP I 7 -23.20 20.34 5.26
N LEU I 8 -22.23 20.03 4.39
CA LEU I 8 -22.16 20.70 3.10
C LEU I 8 -23.39 20.38 2.25
N CYS I 9 -23.80 19.11 2.22
CA CYS I 9 -24.93 18.72 1.39
C CYS I 9 -26.19 19.48 1.78
N ALA I 10 -26.41 19.68 3.09
CA ALA I 10 -27.63 20.32 3.56
C ALA I 10 -27.70 21.80 3.23
N GLU I 11 -26.64 22.38 2.66
CA GLU I 11 -26.68 23.77 2.24
C GLU I 11 -27.33 23.95 0.87
N TYR I 12 -27.77 22.86 0.23
CA TYR I 12 -28.31 22.93 -1.12
C TYR I 12 -29.70 22.30 -1.17
N HIS I 13 -30.51 22.79 -2.10
CA HIS I 13 -31.82 22.20 -2.36
C HIS I 13 -31.68 20.99 -3.27
N ASN I 14 -32.61 20.06 -3.13
CA ASN I 14 -32.69 18.89 -3.99
C ASN I 14 -31.44 18.03 -3.91
N THR I 15 -30.89 17.89 -2.72
CA THR I 15 -29.73 17.04 -2.50
C THR I 15 -30.05 15.95 -1.48
N GLN I 16 -29.15 14.97 -1.40
CA GLN I 16 -29.29 13.89 -0.43
C GLN I 16 -27.96 13.16 -0.31
N ILE I 17 -27.74 12.57 0.85
CA ILE I 17 -26.56 11.78 1.12
C ILE I 17 -26.85 10.32 0.81
N HIS I 18 -25.91 9.66 0.14
CA HIS I 18 -25.88 8.21 0.03
C HIS I 18 -24.64 7.72 0.79
N THR I 19 -24.82 6.73 1.65
CA THR I 19 -23.72 6.15 2.42
C THR I 19 -23.39 4.80 1.82
N LEU I 20 -22.23 4.71 1.17
CA LEU I 20 -21.79 3.50 0.48
C LEU I 20 -20.84 2.65 1.32
N ASN I 21 -19.80 3.25 1.89
CA ASN I 21 -18.75 2.51 2.57
C ASN I 21 -18.28 1.33 1.73
N ASP I 22 -18.03 1.60 0.45
CA ASP I 22 -17.68 0.54 -0.50
C ASP I 22 -16.87 1.14 -1.63
N LYS I 23 -16.05 0.31 -2.27
CA LYS I 23 -15.34 0.76 -3.46
C LYS I 23 -16.32 0.86 -4.64
N ILE I 24 -15.90 1.64 -5.63
CA ILE I 24 -16.68 1.76 -6.86
C ILE I 24 -16.63 0.44 -7.61
N PHE I 25 -17.80 -0.05 -8.03
CA PHE I 25 -17.85 -1.30 -8.77
C PHE I 25 -17.50 -1.09 -10.24
N SER I 26 -17.99 -0.01 -10.85
CA SER I 26 -17.69 0.28 -12.25
C SER I 26 -17.49 1.77 -12.46
N TYR I 27 -16.64 2.10 -13.42
CA TYR I 27 -16.39 3.47 -13.84
C TYR I 27 -16.59 3.53 -15.36
N THR I 28 -17.50 4.41 -15.79
CA THR I 28 -17.83 4.59 -17.20
C THR I 28 -17.51 6.02 -17.59
N GLU I 29 -16.86 6.22 -18.73
CA GLU I 29 -16.44 7.54 -19.17
C GLU I 29 -16.77 7.72 -20.65
N SER I 30 -17.37 8.86 -20.98
CA SER I 30 -17.81 9.18 -22.34
C SER I 30 -17.26 10.53 -22.76
N LEU I 31 -16.77 10.59 -24.00
CA LEU I 31 -16.41 11.86 -24.63
C LEU I 31 -17.42 12.31 -25.68
N ALA I 32 -18.48 11.52 -25.89
CA ALA I 32 -19.39 11.79 -26.99
C ALA I 32 -20.10 13.13 -26.78
N GLY I 33 -20.27 13.87 -27.88
CA GLY I 33 -20.89 15.18 -27.82
C GLY I 33 -22.21 15.19 -27.09
N LYS I 34 -22.40 16.18 -26.22
CA LYS I 34 -23.57 16.34 -25.36
C LYS I 34 -23.69 15.21 -24.33
N ARG I 35 -22.67 14.38 -24.21
CA ARG I 35 -22.64 13.30 -23.22
C ARG I 35 -21.23 13.15 -22.66
N GLU I 36 -20.54 14.27 -22.47
CA GLU I 36 -19.21 14.29 -21.87
C GLU I 36 -19.40 14.16 -20.36
N MET I 37 -19.46 12.91 -19.89
CA MET I 37 -19.89 12.63 -18.54
C MET I 37 -19.15 11.39 -18.03
N ALA I 38 -19.28 11.15 -16.73
CA ALA I 38 -18.84 9.91 -16.10
C ALA I 38 -20.02 9.31 -15.35
N ILE I 39 -20.03 7.99 -15.25
CA ILE I 39 -21.04 7.25 -14.52
C ILE I 39 -20.34 6.19 -13.69
N ILE I 40 -20.68 6.14 -12.40
CA ILE I 40 -20.15 5.13 -11.51
C ILE I 40 -21.32 4.34 -10.93
N THR I 41 -21.04 3.08 -10.59
CA THR I 41 -22.01 2.23 -9.92
C THR I 41 -21.34 1.55 -8.74
N PHE I 42 -22.17 1.01 -7.85
CA PHE I 42 -21.71 0.26 -6.69
C PHE I 42 -22.40 -1.09 -6.68
N LYS I 43 -21.75 -2.05 -6.02
CA LYS I 43 -22.21 -3.43 -6.05
C LYS I 43 -23.70 -3.56 -5.73
N ASN I 44 -24.24 -2.65 -4.93
CA ASN I 44 -25.65 -2.73 -4.55
C ASN I 44 -26.59 -2.19 -5.63
N GLY I 45 -26.07 -1.77 -6.78
CA GLY I 45 -26.90 -1.28 -7.87
C GLY I 45 -26.97 0.23 -7.98
N ALA I 46 -26.56 0.96 -6.95
CA ALA I 46 -26.62 2.42 -6.99
C ALA I 46 -25.79 2.97 -8.14
N THR I 47 -26.33 3.99 -8.81
CA THR I 47 -25.73 4.56 -10.00
C THR I 47 -25.73 6.07 -9.89
N PHE I 48 -24.61 6.69 -10.30
CA PHE I 48 -24.44 8.12 -10.18
C PHE I 48 -23.67 8.67 -11.37
N GLN I 49 -23.95 9.93 -11.70
CA GLN I 49 -23.28 10.60 -12.80
C GLN I 49 -22.52 11.83 -12.29
N VAL I 50 -21.51 12.22 -13.06
CA VAL I 50 -21.00 13.58 -13.05
C VAL I 50 -21.55 14.25 -14.29
N GLU I 51 -22.28 15.35 -14.11
CA GLU I 51 -23.07 15.90 -15.20
C GLU I 51 -22.19 16.41 -16.33
N VAL I 52 -22.75 16.42 -17.53
CA VAL I 52 -22.10 17.12 -18.64
C VAL I 52 -21.92 18.59 -18.27
N PRO I 53 -20.72 19.15 -18.39
CA PRO I 53 -20.57 20.60 -18.19
C PRO I 53 -21.50 21.37 -19.12
N GLY I 54 -22.18 22.35 -18.56
CA GLY I 54 -23.14 23.12 -19.32
C GLY I 54 -23.42 24.48 -18.75
N SER I 55 -24.60 25.00 -19.09
CA SER I 55 -24.99 26.34 -18.68
C SER I 55 -25.48 26.40 -17.23
N GLN I 56 -26.02 25.29 -16.72
CA GLN I 56 -26.46 25.27 -15.33
C GLN I 56 -25.30 25.40 -14.36
N HIS I 57 -24.06 25.38 -14.86
CA HIS I 57 -22.88 25.38 -14.01
C HIS I 57 -22.20 26.74 -14.03
N ILE I 58 -22.01 27.31 -12.85
CA ILE I 58 -21.20 28.53 -12.77
C ILE I 58 -19.74 28.18 -13.04
N ASP I 59 -18.95 29.22 -13.37
CA ASP I 59 -17.61 28.98 -13.86
C ASP I 59 -16.75 28.26 -12.84
N SER I 60 -16.93 28.55 -11.55
CA SER I 60 -16.13 27.89 -10.53
C SER I 60 -16.40 26.39 -10.48
N GLN I 61 -17.61 25.97 -10.86
CA GLN I 61 -17.90 24.54 -10.86
C GLN I 61 -17.19 23.82 -12.00
N LYS I 62 -16.93 24.53 -13.11
CA LYS I 62 -16.34 23.88 -14.27
C LYS I 62 -15.03 23.19 -13.91
N LYS I 63 -14.15 23.90 -13.20
CA LYS I 63 -12.90 23.29 -12.75
C LYS I 63 -13.17 22.12 -11.82
N ALA I 64 -14.16 22.26 -10.94
CA ALA I 64 -14.41 21.21 -9.94
C ALA I 64 -15.04 19.98 -10.56
N ILE I 65 -15.86 20.15 -11.60
CA ILE I 65 -16.41 19.00 -12.32
C ILE I 65 -15.28 18.13 -12.87
N GLU I 66 -14.25 18.76 -13.44
CA GLU I 66 -13.13 18.02 -13.99
C GLU I 66 -12.31 17.36 -12.89
N ARG I 67 -12.10 18.06 -11.77
CA ARG I 67 -11.45 17.43 -10.63
C ARG I 67 -12.22 16.19 -10.19
N MET I 68 -13.55 16.29 -10.13
CA MET I 68 -14.35 15.18 -9.63
C MET I 68 -14.18 13.94 -10.50
N LYS I 69 -14.17 14.11 -11.83
CA LYS I 69 -13.95 12.97 -12.71
C LYS I 69 -12.56 12.40 -12.54
N ASP I 70 -11.56 13.27 -12.37
CA ASP I 70 -10.23 12.78 -11.99
C ASP I 70 -10.30 11.92 -10.73
N THR I 71 -11.04 12.39 -9.73
CA THR I 71 -11.11 11.71 -8.44
C THR I 71 -11.80 10.35 -8.57
N LEU I 72 -12.93 10.31 -9.28
CA LEU I 72 -13.64 9.05 -9.43
C LEU I 72 -12.82 8.02 -10.19
N ARG I 73 -12.14 8.44 -11.26
CA ARG I 73 -11.30 7.53 -12.02
C ARG I 73 -10.24 6.90 -11.14
N ILE I 74 -9.52 7.73 -10.38
CA ILE I 74 -8.40 7.22 -9.58
C ILE I 74 -8.92 6.48 -8.35
N ALA I 75 -10.07 6.87 -7.80
CA ALA I 75 -10.65 6.11 -6.70
C ALA I 75 -11.05 4.71 -7.17
N TYR I 76 -11.58 4.61 -8.39
CA TYR I 76 -11.95 3.30 -8.92
C TYR I 76 -10.71 2.43 -9.09
N LEU I 77 -9.68 2.97 -9.76
CA LEU I 77 -8.51 2.16 -10.08
C LEU I 77 -7.75 1.73 -8.83
N THR I 78 -7.82 2.52 -7.76
CA THR I 78 -7.15 2.19 -6.51
C THR I 78 -8.05 1.41 -5.55
N GLU I 79 -9.28 1.12 -5.95
CA GLU I 79 -10.24 0.42 -5.08
C GLU I 79 -10.38 1.14 -3.73
N ALA I 80 -10.34 2.47 -3.79
CA ALA I 80 -10.51 3.27 -2.59
C ALA I 80 -11.96 3.23 -2.11
N LYS I 81 -12.14 3.12 -0.80
CA LYS I 81 -13.47 3.04 -0.23
C LYS I 81 -14.13 4.42 -0.24
N VAL I 82 -15.30 4.51 -0.87
CA VAL I 82 -16.10 5.72 -0.85
C VAL I 82 -17.00 5.68 0.37
N GLU I 83 -16.93 6.72 1.20
CA GLU I 83 -17.79 6.77 2.39
C GLU I 83 -19.19 7.24 2.02
N LYS I 84 -19.30 8.49 1.58
CA LYS I 84 -20.60 9.07 1.28
C LYS I 84 -20.54 9.84 -0.04
N LEU I 85 -21.70 9.96 -0.68
CA LEU I 85 -21.88 10.87 -1.80
C LEU I 85 -23.00 11.85 -1.47
N CYS I 86 -22.78 13.13 -1.73
CA CYS I 86 -23.83 14.13 -1.80
C CYS I 86 -24.21 14.28 -3.28
N VAL I 87 -25.48 14.07 -3.59
CA VAL I 87 -25.94 14.12 -4.97
C VAL I 87 -27.19 14.97 -5.06
N TRP I 88 -27.44 15.49 -6.27
CA TRP I 88 -28.71 16.12 -6.59
C TRP I 88 -29.68 15.04 -7.05
N ASN I 89 -30.84 14.98 -6.40
CA ASN I 89 -31.82 13.93 -6.66
C ASN I 89 -32.92 14.37 -7.62
N ASN I 90 -32.80 15.55 -8.21
CA ASN I 90 -33.66 15.97 -9.31
C ASN I 90 -33.03 15.68 -10.68
N LYS I 91 -32.08 14.76 -10.72
CA LYS I 91 -31.46 14.29 -11.95
C LYS I 91 -31.44 12.77 -11.94
N THR I 92 -31.42 12.16 -13.12
CA THR I 92 -31.35 10.72 -13.25
C THR I 92 -30.25 10.37 -14.24
N PRO I 93 -29.23 9.60 -13.83
CA PRO I 93 -28.93 9.13 -12.46
C PRO I 93 -28.76 10.32 -11.54
N HIS I 94 -28.80 10.14 -10.22
CA HIS I 94 -28.48 11.25 -9.33
C HIS I 94 -27.08 11.78 -9.65
N ALA I 95 -26.94 13.09 -9.61
CA ALA I 95 -25.73 13.78 -10.04
C ALA I 95 -24.86 14.08 -8.83
N ILE I 96 -23.57 13.82 -8.96
CA ILE I 96 -22.65 13.94 -7.82
C ILE I 96 -22.35 15.41 -7.57
N ALA I 97 -22.50 15.83 -6.32
CA ALA I 97 -22.08 17.15 -5.86
C ALA I 97 -20.84 17.10 -4.97
N ALA I 98 -20.64 16.02 -4.23
CA ALA I 98 -19.48 15.88 -3.37
C ALA I 98 -19.28 14.41 -3.05
N ILE I 99 -18.05 14.09 -2.61
CA ILE I 99 -17.69 12.71 -2.27
C ILE I 99 -16.81 12.72 -1.04
N SER I 100 -16.99 11.71 -0.19
CA SER I 100 -16.12 11.50 0.96
C SER I 100 -15.58 10.08 0.91
N MET I 101 -14.28 9.94 1.15
CA MET I 101 -13.60 8.66 1.20
C MET I 101 -12.88 8.54 2.54
N ALA I 102 -13.10 7.43 3.23
CA ALA I 102 -12.52 7.22 4.56
C ALA I 102 -11.91 5.83 4.63
N ASN I 103 -10.67 5.76 5.11
CA ASN I 103 -9.95 4.50 5.25
C ASN I 103 -10.81 3.56 6.11
N THR J 1 13.82 34.35 0.73
CA THR J 1 12.88 33.20 0.49
C THR J 1 12.99 32.18 1.62
N PRO J 2 11.85 31.71 2.13
CA PRO J 2 11.90 30.75 3.24
C PRO J 2 12.39 29.38 2.82
N GLN J 3 13.01 28.68 3.76
CA GLN J 3 13.70 27.42 3.50
C GLN J 3 12.89 26.18 3.88
N ASN J 4 11.79 26.35 4.62
CA ASN J 4 10.99 25.22 5.06
C ASN J 4 9.60 25.73 5.43
N ILE J 5 8.72 24.81 5.84
CA ILE J 5 7.33 25.19 6.07
C ILE J 5 7.20 26.09 7.29
N THR J 6 8.08 25.90 8.28
CA THR J 6 7.98 26.70 9.50
C THR J 6 8.39 28.14 9.23
N ASP J 7 9.52 28.35 8.53
CA ASP J 7 9.90 29.70 8.12
C ASP J 7 8.81 30.32 7.27
N LEU J 8 8.17 29.53 6.41
CA LEU J 8 7.12 30.07 5.55
C LEU J 8 5.92 30.53 6.37
N CYS J 9 5.46 29.68 7.28
CA CYS J 9 4.30 30.00 8.08
C CYS J 9 4.51 31.26 8.91
N ALA J 10 5.75 31.51 9.33
CA ALA J 10 6.03 32.68 10.16
C ALA J 10 5.83 34.00 9.44
N GLU J 11 5.87 33.98 8.10
CA GLU J 11 5.73 35.22 7.34
C GLU J 11 4.29 35.73 7.28
N TYR J 12 3.33 34.98 7.82
CA TYR J 12 1.92 35.33 7.71
C TYR J 12 1.31 35.52 9.09
N HIS J 13 0.34 36.42 9.16
CA HIS J 13 -0.44 36.63 10.37
C HIS J 13 -1.60 35.64 10.41
N ASN J 14 -1.97 35.24 11.62
CA ASN J 14 -3.10 34.36 11.86
C ASN J 14 -2.86 32.94 11.38
N THR J 15 -1.60 32.54 11.22
CA THR J 15 -1.25 31.17 10.89
C THR J 15 -0.54 30.49 12.05
N GLN J 16 -0.44 29.17 11.96
CA GLN J 16 0.20 28.35 12.98
C GLN J 16 0.46 26.99 12.36
N ILE J 17 1.44 26.28 12.92
CA ILE J 17 1.86 24.98 12.42
C ILE J 17 1.22 23.90 13.27
N HIS J 18 0.44 23.02 12.63
CA HIS J 18 0.01 21.77 13.24
C HIS J 18 0.99 20.68 12.84
N THR J 19 1.56 19.99 13.82
CA THR J 19 2.47 18.88 13.57
C THR J 19 1.70 17.58 13.77
N LEU J 20 1.41 16.88 12.66
CA LEU J 20 0.58 15.69 12.66
C LEU J 20 1.40 14.40 12.62
N ASN J 21 2.37 14.30 11.71
CA ASN J 21 3.16 13.10 11.56
C ASN J 21 2.26 11.87 11.44
N ASP J 22 1.30 11.95 10.51
CA ASP J 22 0.31 10.90 10.35
C ASP J 22 -0.27 10.99 8.95
N LYS J 23 -0.95 9.93 8.53
CA LYS J 23 -1.62 9.92 7.25
C LYS J 23 -3.02 10.53 7.37
N ILE J 24 -3.56 10.93 6.22
CA ILE J 24 -4.88 11.53 6.19
C ILE J 24 -5.94 10.46 6.44
N PHE J 25 -6.86 10.76 7.35
CA PHE J 25 -7.88 9.78 7.69
C PHE J 25 -9.06 9.83 6.74
N SER J 26 -9.40 11.00 6.21
CA SER J 26 -10.50 11.13 5.29
C SER J 26 -10.23 12.27 4.33
N TYR J 27 -10.74 12.13 3.11
CA TYR J 27 -10.62 13.15 2.07
C TYR J 27 -12.02 13.41 1.51
N THR J 28 -12.43 14.68 1.52
CA THR J 28 -13.73 15.10 1.01
C THR J 28 -13.52 16.22 0.00
N GLU J 29 -14.29 16.18 -1.08
CA GLU J 29 -14.15 17.08 -2.21
C GLU J 29 -15.53 17.42 -2.75
N SER J 30 -15.75 18.68 -3.07
CA SER J 30 -17.05 19.16 -3.51
C SER J 30 -16.92 19.99 -4.78
N LEU J 31 -17.85 19.77 -5.72
CA LEU J 31 -17.99 20.61 -6.89
C LEU J 31 -19.23 21.49 -6.82
N ALA J 32 -19.99 21.43 -5.73
CA ALA J 32 -21.17 22.27 -5.60
C ALA J 32 -20.79 23.74 -5.74
N GLY J 33 -21.66 24.50 -6.38
CA GLY J 33 -21.37 25.89 -6.63
C GLY J 33 -21.16 26.69 -5.36
N LYS J 34 -20.06 27.44 -5.31
CA LYS J 34 -19.68 28.31 -4.20
C LYS J 34 -19.10 27.49 -3.05
N ARG J 35 -19.06 26.16 -3.16
CA ARG J 35 -18.43 25.30 -2.17
C ARG J 35 -17.44 24.34 -2.85
N GLU J 36 -16.77 24.84 -3.90
CA GLU J 36 -15.73 24.09 -4.58
C GLU J 36 -14.50 24.02 -3.68
N MET J 37 -14.43 22.98 -2.85
CA MET J 37 -13.43 22.92 -1.80
C MET J 37 -13.06 21.47 -1.52
N ALA J 38 -12.06 21.29 -0.66
CA ALA J 38 -11.68 19.98 -0.14
C ALA J 38 -11.58 20.07 1.37
N ILE J 39 -11.86 18.94 2.03
CA ILE J 39 -11.78 18.81 3.48
C ILE J 39 -11.07 17.49 3.79
N ILE J 40 -10.06 17.55 4.66
CA ILE J 40 -9.39 16.36 5.16
C ILE J 40 -9.54 16.31 6.67
N THR J 41 -9.48 15.10 7.22
CA THR J 41 -9.44 14.91 8.66
C THR J 41 -8.34 13.93 8.99
N PHE J 42 -7.87 13.98 10.24
CA PHE J 42 -6.91 13.03 10.76
C PHE J 42 -7.53 12.22 11.89
N LYS J 43 -6.89 11.11 12.21
CA LYS J 43 -7.41 10.19 13.22
C LYS J 43 -7.83 10.91 14.49
N ASN J 44 -7.11 11.96 14.87
CA ASN J 44 -7.34 12.64 16.14
C ASN J 44 -8.47 13.67 16.07
N GLY J 45 -9.19 13.74 14.96
CA GLY J 45 -10.26 14.69 14.82
C GLY J 45 -9.89 15.99 14.14
N ALA J 46 -8.60 16.29 14.04
CA ALA J 46 -8.17 17.52 13.36
C ALA J 46 -8.77 17.57 11.97
N THR J 47 -9.43 18.69 11.66
CA THR J 47 -10.14 18.89 10.40
C THR J 47 -9.59 20.15 9.74
N PHE J 48 -9.29 20.05 8.44
CA PHE J 48 -8.75 21.16 7.69
C PHE J 48 -9.39 21.23 6.31
N GLN J 49 -9.35 22.42 5.71
CA GLN J 49 -9.95 22.69 4.43
C GLN J 49 -8.95 23.33 3.48
N VAL J 50 -9.19 23.14 2.19
CA VAL J 50 -8.66 24.01 1.15
C VAL J 50 -9.79 24.96 0.76
N GLU J 51 -9.59 26.25 1.02
CA GLU J 51 -10.65 27.21 0.86
C GLU J 51 -11.18 27.26 -0.57
N VAL J 52 -12.45 27.63 -0.71
CA VAL J 52 -12.99 28.02 -2.02
C VAL J 52 -12.22 29.23 -2.52
N PRO J 53 -11.75 29.22 -3.77
CA PRO J 53 -11.12 30.44 -4.32
C PRO J 53 -12.07 31.63 -4.23
N GLY J 54 -11.57 32.73 -3.67
CA GLY J 54 -12.40 33.89 -3.45
C GLY J 54 -11.64 35.20 -3.45
N SER J 55 -12.29 36.25 -2.93
CA SER J 55 -11.70 37.58 -2.95
C SER J 55 -10.49 37.72 -2.04
N GLN J 56 -10.33 36.82 -1.07
CA GLN J 56 -9.18 36.87 -0.18
C GLN J 56 -7.91 36.31 -0.81
N HIS J 57 -8.00 35.80 -2.04
CA HIS J 57 -6.87 35.23 -2.74
C HIS J 57 -6.42 36.15 -3.86
N ILE J 58 -5.12 36.17 -4.14
CA ILE J 58 -4.57 36.93 -5.23
C ILE J 58 -4.40 36.04 -6.44
N ASP J 59 -4.15 36.65 -7.60
CA ASP J 59 -4.12 35.89 -8.85
C ASP J 59 -3.09 34.77 -8.82
N SER J 60 -1.95 35.02 -8.17
CA SER J 60 -0.88 34.03 -8.15
C SER J 60 -1.24 32.77 -7.37
N GLN J 61 -2.30 32.81 -6.57
CA GLN J 61 -2.67 31.68 -5.73
C GLN J 61 -3.57 30.67 -6.44
N LYS J 62 -4.15 31.02 -7.60
CA LYS J 62 -5.19 30.19 -8.18
C LYS J 62 -4.67 28.81 -8.58
N LYS J 63 -3.53 28.75 -9.28
CA LYS J 63 -2.98 27.45 -9.65
C LYS J 63 -2.56 26.65 -8.42
N ALA J 64 -2.02 27.33 -7.41
CA ALA J 64 -1.53 26.64 -6.23
C ALA J 64 -2.68 26.02 -5.43
N ILE J 65 -3.83 26.69 -5.41
CA ILE J 65 -4.99 26.15 -4.71
C ILE J 65 -5.38 24.81 -5.33
N GLU J 66 -5.42 24.75 -6.66
CA GLU J 66 -5.75 23.50 -7.32
C GLU J 66 -4.68 22.43 -7.06
N ARG J 67 -3.41 22.83 -7.06
CA ARG J 67 -2.34 21.88 -6.80
C ARG J 67 -2.48 21.28 -5.40
N MET J 68 -2.82 22.11 -4.40
CA MET J 68 -2.93 21.61 -3.03
C MET J 68 -3.99 20.53 -2.93
N LYS J 69 -5.15 20.73 -3.55
CA LYS J 69 -6.18 19.71 -3.56
C LYS J 69 -5.70 18.44 -4.27
N ASP J 70 -4.97 18.60 -5.38
CA ASP J 70 -4.33 17.44 -5.99
C ASP J 70 -3.41 16.74 -5.00
N THR J 71 -2.61 17.52 -4.26
CA THR J 71 -1.62 16.92 -3.36
C THR J 71 -2.29 16.18 -2.21
N LEU J 72 -3.32 16.78 -1.62
CA LEU J 72 -4.04 16.09 -0.55
C LEU J 72 -4.69 14.80 -1.06
N ARG J 73 -5.26 14.84 -2.26
CA ARG J 73 -5.90 13.64 -2.79
C ARG J 73 -4.91 12.49 -2.91
N ILE J 74 -3.77 12.74 -3.55
CA ILE J 74 -2.83 11.66 -3.80
C ILE J 74 -2.11 11.26 -2.52
N ALA J 75 -1.92 12.19 -1.59
CA ALA J 75 -1.36 11.80 -0.29
C ALA J 75 -2.31 10.86 0.44
N TYR J 76 -3.61 11.15 0.42
CA TYR J 76 -4.57 10.29 1.09
C TYR J 76 -4.56 8.89 0.48
N LEU J 77 -4.54 8.80 -0.85
CA LEU J 77 -4.69 7.52 -1.51
C LEU J 77 -3.44 6.65 -1.39
N THR J 78 -2.28 7.27 -1.22
CA THR J 78 -1.03 6.53 -1.02
C THR J 78 -0.68 6.37 0.45
N GLU J 79 -1.48 6.94 1.35
CA GLU J 79 -1.23 6.88 2.78
C GLU J 79 0.10 7.54 3.14
N ALA J 80 0.48 8.57 2.39
CA ALA J 80 1.67 9.33 2.72
C ALA J 80 1.48 10.04 4.06
N LYS J 81 2.52 9.99 4.89
CA LYS J 81 2.53 10.68 6.17
C LYS J 81 2.75 12.18 5.94
N VAL J 82 1.85 13.02 6.43
CA VAL J 82 2.08 14.45 6.39
C VAL J 82 2.73 14.89 7.70
N GLU J 83 3.86 15.57 7.58
CA GLU J 83 4.58 16.06 8.75
C GLU J 83 3.87 17.24 9.39
N LYS J 84 3.72 18.32 8.63
CA LYS J 84 3.18 19.56 9.18
C LYS J 84 2.22 20.21 8.19
N LEU J 85 1.25 20.94 8.75
CA LEU J 85 0.38 21.83 7.99
C LEU J 85 0.49 23.22 8.57
N CYS J 86 0.75 24.20 7.71
CA CYS J 86 0.58 25.62 8.04
C CYS J 86 -0.85 26.02 7.69
N VAL J 87 -1.61 26.50 8.68
CA VAL J 87 -3.03 26.76 8.49
C VAL J 87 -3.40 28.11 9.04
N TRP J 88 -4.41 28.73 8.44
CA TRP J 88 -5.02 29.93 8.99
C TRP J 88 -6.00 29.52 10.07
N ASN J 89 -5.75 29.97 11.30
CA ASN J 89 -6.54 29.56 12.45
C ASN J 89 -7.76 30.43 12.68
N ASN J 90 -7.94 31.50 11.91
CA ASN J 90 -9.13 32.33 12.01
C ASN J 90 -10.27 31.84 11.13
N LYS J 91 -10.19 30.60 10.64
CA LYS J 91 -11.21 30.01 9.79
C LYS J 91 -11.58 28.63 10.32
N THR J 92 -12.81 28.21 10.02
CA THR J 92 -13.33 26.93 10.47
C THR J 92 -13.96 26.20 9.28
N PRO J 93 -13.42 25.05 8.86
CA PRO J 93 -12.20 24.38 9.34
C PRO J 93 -10.96 25.25 9.10
N HIS J 94 -9.92 25.07 9.91
CA HIS J 94 -8.66 25.76 9.65
C HIS J 94 -8.26 25.57 8.19
N ALA J 95 -7.82 26.66 7.56
CA ALA J 95 -7.56 26.68 6.12
C ALA J 95 -6.09 26.42 5.85
N ILE J 96 -5.82 25.47 4.97
CA ILE J 96 -4.45 25.06 4.68
C ILE J 96 -3.75 26.12 3.82
N ALA J 97 -2.57 26.55 4.28
CA ALA J 97 -1.69 27.39 3.48
C ALA J 97 -0.50 26.64 2.93
N ALA J 98 -0.06 25.58 3.60
CA ALA J 98 1.11 24.83 3.17
C ALA J 98 1.11 23.48 3.85
N ILE J 99 1.81 22.53 3.23
CA ILE J 99 1.92 21.17 3.72
C ILE J 99 3.35 20.71 3.53
N SER J 100 3.87 19.95 4.48
CA SER J 100 5.15 19.30 4.36
C SER J 100 4.97 17.80 4.58
N MET J 101 5.69 17.01 3.81
CA MET J 101 5.65 15.56 3.93
C MET J 101 7.07 15.04 4.05
N ALA J 102 7.29 14.12 4.98
CA ALA J 102 8.60 13.53 5.20
C ALA J 102 8.41 12.16 5.81
N ASN J 103 9.41 11.30 5.59
CA ASN J 103 9.38 9.87 5.94
C ASN J 103 9.53 9.11 4.60
C1 GAL K . -15.67 -43.59 6.76
C2 GAL K . -14.99 -42.83 5.58
C3 GAL K . -13.95 -41.82 6.01
C4 GAL K . -13.35 -42.11 7.32
C5 GAL K . -13.27 -43.64 7.48
C6 GAL K . -12.48 -43.98 8.68
O2 GAL K . -14.43 -43.80 4.69
O3 GAL K . -14.63 -40.50 6.01
O4 GAL K . -14.12 -41.58 8.46
O5 GAL K . -14.65 -44.27 7.59
O6 GAL K . -11.17 -43.61 8.45
H1 GAL K . -16.34 -44.31 6.35
H2 GAL K . -15.75 -42.26 5.06
H3 GAL K . -13.13 -41.81 5.31
H4 GAL K . -12.38 -41.62 7.37
H5 GAL K . -12.74 -44.05 6.63
H61 GAL K . -12.54 -45.04 8.87
H62 GAL K . -12.88 -43.44 9.54
HO2 GAL K . -13.71 -43.41 4.21
HO6 GAL K . -10.95 -42.87 8.99
C1 NGA K . -13.50 -40.40 8.94
C2 NGA K . -14.61 -39.41 9.47
C3 NGA K . -14.10 -38.11 9.95
C4 NGA K . -12.89 -38.19 10.76
C5 NGA K . -11.91 -39.34 10.40
C6 NGA K . -11.01 -39.54 11.56
C7 NGA K . -16.97 -38.97 8.49
C8 NGA K . -17.82 -38.76 7.21
N2 NGA K . -15.53 -39.20 8.33
O3 NGA K . -15.18 -37.47 10.79
O4 NGA K . -13.28 -38.32 12.18
O5 NGA K . -12.57 -40.62 10.01
O6 NGA K . -10.03 -40.45 11.17
O7 NGA K . -17.48 -38.94 9.57
H1 NGA K . -12.95 -40.02 8.09
H2 NGA K . -15.12 -39.86 10.31
H3 NGA K . -13.86 -37.53 9.09
H4 NGA K . -12.36 -37.25 10.61
H5 NGA K . -11.31 -39.02 9.53
H61 NGA K . -11.58 -39.94 12.40
H62 NGA K . -10.55 -38.59 11.84
H81 NGA K . -17.88 -39.71 6.66
H82 NGA K . -17.33 -38.02 6.57
H83 NGA K . -18.82 -38.43 7.48
HN2 NGA K . -15.15 -39.22 7.40
HO4 NGA K . -12.72 -37.77 12.71
HO6 NGA K . -9.55 -40.09 10.45
C1 2FG K . -15.37 -36.13 10.47
C2 2FG K . -16.62 -35.64 11.17
F2 2FG K . -17.71 -35.80 10.30
C3 2FG K . -16.58 -34.21 11.60
O3 2FG K . -16.10 -34.17 12.99
C4 2FG K . -15.72 -33.35 10.80
O4 2FG K . -15.59 -32.05 11.44
C5 2FG K . -14.34 -33.92 10.53
O5 2FG K . -14.20 -35.36 10.90
C6 2FG K . -13.32 -33.19 11.36
O6 2FG K . -12.10 -33.89 11.25
H1 2FG K . -15.47 -36.04 9.39
H2 2FG K . -16.75 -36.24 12.07
H3 2FG K . -17.59 -33.81 11.54
HO3 2FG K . -16.76 -34.45 13.58
H4 2FG K . -16.20 -33.23 9.82
HO4 2FG K . -15.76 -32.14 12.37
H5 2FG K . -14.16 -33.79 9.49
H61 2FG K . -13.63 -33.15 12.39
H62 2FG K . -13.19 -32.18 10.98
HO6 2FG K . -11.39 -33.37 11.59
C1 SIA K . -14.67 -38.16 5.30
C2 SIA K . -13.91 -39.46 5.16
C3 SIA K . -13.91 -39.85 3.69
C4 SIA K . -13.03 -38.90 2.89
C5 SIA K . -11.66 -38.71 3.46
C6 SIA K . -11.71 -38.29 4.89
C7 SIA K . -10.34 -38.30 5.50
C8 SIA K . -10.51 -38.24 7.04
C9 SIA K . -9.17 -37.90 7.71
C10 SIA K . -9.59 -37.69 2.26
C11 SIA K . -9.02 -36.54 1.39
N5 SIA K . -11.01 -37.65 2.59
O1A SIA K . -15.61 -37.87 4.47
O1B SIA K . -14.40 -37.38 6.22
O4 SIA K . -12.92 -39.37 1.51
O6 SIA K . -12.58 -39.26 5.69
O7 SIA K . -9.63 -39.46 5.15
O8 SIA K . -11.45 -37.28 7.37
O9 SIA K . -9.41 -37.67 9.09
O10 SIA K . -8.91 -38.55 2.65
H32 SIA K . -14.93 -39.80 3.30
H31 SIA K . -13.54 -40.87 3.58
H4 SIA K . -13.51 -37.93 2.90
H5 SIA K . -11.07 -39.63 3.42
H6 SIA K . -12.09 -37.29 4.92
H7 SIA K . -9.79 -37.43 5.13
H8 SIA K . -10.84 -39.21 7.39
H92 SIA K . -8.75 -37.00 7.25
H91 SIA K . -8.47 -38.73 7.59
H111 SIA K . -7.96 -36.41 1.61
H113 SIA K . -9.13 -36.78 0.33
H112 SIA K . -9.54 -35.61 1.60
HN5 SIA K . -11.58 -36.88 2.25
HO4 SIA K . -13.47 -38.85 0.95
HO7 SIA K . -9.72 -40.10 5.82
HO8 SIA K . -11.06 -36.43 7.28
HO9 SIA K . -10.10 -37.03 9.19
C1 GAL L . -32.93 30.06 -5.04
C2 GAL L . -31.80 29.27 -4.43
C3 GAL L . -30.42 29.26 -5.05
C4 GAL L . -30.32 29.80 -6.41
C5 GAL L . -31.09 31.13 -6.40
C6 GAL L . -30.88 31.80 -7.70
O2 GAL L . -31.64 29.80 -3.07
O3 GAL L . -30.09 27.81 -5.04
O4 GAL L . -30.79 28.86 -7.43
O5 GAL L . -32.57 30.95 -6.15
O6 GAL L . -29.60 32.34 -7.73
H1 GAL L . -33.30 30.65 -4.22
H2 GAL L . -32.11 28.24 -4.53
H3 GAL L . -29.75 29.88 -4.48
H4 GAL L . -29.28 29.94 -6.71
H5 GAL L . -30.70 31.77 -5.62
H61 GAL L . -31.61 32.59 -7.83
H62 GAL L . -30.98 31.06 -8.49
HO2 GAL L . -32.06 29.27 -2.41
HO6 GAL L . -29.14 32.15 -6.93
C1 NGA L . -29.65 28.15 -7.91
C2 NGA L . -30.07 26.77 -8.53
C3 NGA L . -28.94 25.98 -9.11
C4 NGA L . -28.11 26.78 -10.00
C5 NGA L . -27.68 28.13 -9.36
C6 NGA L . -26.90 28.90 -10.32
C7 NGA L . -31.87 25.14 -7.62
C8 NGA L . -32.44 24.42 -6.37
N2 NGA L . -30.68 26.00 -7.45
O3 NGA L . -29.47 24.82 -9.92
O4 NGA L . -28.85 27.09 -11.22
O5 NGA L . -28.89 28.91 -8.90
O6 NGA L . -26.43 30.02 -9.64
O7 NGA L . -32.38 25.01 -8.69
H1 NGA L . -29.05 28.01 -7.03
H2 NGA L . -30.75 26.93 -9.35
H3 NGA L . -28.37 25.60 -8.30
H4 NGA L . -27.22 26.18 -10.23
H5 NGA L . -27.03 27.97 -8.49
H61 NGA L . -27.53 29.20 -11.17
H62 NGA L . -26.06 28.29 -10.70
H81 NGA L . -32.53 25.14 -5.55
H82 NGA L . -33.42 24.01 -6.61
H83 NGA L . -31.77 23.61 -6.08
HN2 NGA L . -30.27 26.06 -6.52
HO4 NGA L . -29.62 26.53 -11.29
HO6 NGA L . -25.93 29.74 -8.89
C1 2FG L . -28.91 23.62 -9.49
C2 2FG L . -29.93 22.50 -9.76
F2 2FG L . -30.47 22.16 -8.52
C3 2FG L . -29.43 21.24 -10.40
O3 2FG L . -29.39 21.45 -11.84
C4 2FG L . -28.10 20.84 -9.91
O4 2FG L . -27.54 19.78 -10.74
C5 2FG L . -27.11 21.99 -9.84
O5 2FG L . -27.68 23.33 -10.23
C6 2FG L . -25.95 21.76 -10.78
O6 2FG L . -25.06 22.85 -10.67
H1 2FG L . -28.67 23.70 -8.44
H2 2FG L . -30.66 22.90 -10.45
H3 2FG L . -30.11 20.42 -10.17
HO3 2FG L . -28.53 21.66 -12.11
H4 2FG L . -28.24 20.45 -8.91
HO4 2FG L . -27.61 20.02 -11.68
H5 2FG L . -26.78 22.02 -8.82
H61 2FG L . -26.32 21.69 -11.79
H62 2FG L . -25.44 20.84 -10.51
HO6 2FG L . -25.45 23.60 -11.13
C1 SIA L . -28.78 25.90 -4.36
C2 SIA L . -28.89 27.41 -4.20
C3 SIA L . -29.11 27.75 -2.73
C4 SIA L . -27.84 27.50 -1.92
C5 SIA L . -26.60 28.05 -2.51
C6 SIA L . -26.45 27.69 -3.95
C7 SIA L . -25.30 28.42 -4.58
C8 SIA L . -25.41 28.19 -6.10
C9 SIA L . -24.10 28.56 -6.83
C10 SIA L . -24.35 28.26 -1.18
C11 SIA L . -23.16 27.63 -0.40
N5 SIA L . -25.44 27.43 -1.73
O1A SIA L . -29.46 25.14 -3.64
O1B SIA L . -27.99 25.41 -5.23
O4 SIA L . -28.02 28.08 -0.58
O6 SIA L . -27.70 28.03 -4.74
O7 SIA L . -25.37 29.80 -4.31
O8 SIA L . -25.70 26.86 -6.36
O9 SIA L . -24.27 28.22 -8.20
O10 SIA L . -24.37 29.42 -1.34
H32 SIA L . -29.91 27.14 -2.33
H31 SIA L . -29.37 28.80 -2.65
H4 SIA L . -27.73 26.42 -1.86
H5 SIA L . -26.59 29.13 -2.41
H6 SIA L . -26.23 26.63 -3.98
H7 SIA L . -24.36 28.06 -4.18
H8 SIA L . -26.20 28.83 -6.48
H92 SIA L . -23.26 28.00 -6.39
H91 SIA L . -23.92 29.64 -6.73
H111 SIA L . -23.40 27.59 0.66
H113 SIA L . -22.99 26.61 -0.77
H112 SIA L . -22.26 28.22 -0.55
HN5 SIA L . -25.41 26.43 -1.59
HO4 SIA L . -28.17 27.41 0.06
HO7 SIA L . -25.84 30.24 -4.99
HO8 SIA L . -24.91 26.36 -6.28
HO9 SIA L . -24.55 27.32 -8.26
C4 A1H7V M . -17.89 -43.05 7.56
C3 A1H7V M . -18.42 -42.50 8.82
C2 A1H7V M . -19.89 -42.32 8.80
C1 A1H7V M . -20.22 -41.23 7.79
CAA A1H7V M . -22.17 -39.91 8.60
CAB A1H7V M . -21.18 -39.01 9.37
C5 A1H7V M . -18.51 -42.44 6.35
C6 A1H7V M . -18.82 -43.63 5.41
F1 A1H7V M . -20.35 -41.95 10.06
O4 A1H7V M . -16.42 -42.72 7.54
O3 A1H7V M . -18.08 -43.39 9.95
O1 A1H7V M . -21.58 -40.99 7.77
O5 A1H7V M . -19.78 -41.67 6.44
O6 A1H7V M . -17.79 -43.93 4.54
H4 A1H7V M . -18.08 -44.11 7.53
H3 A1H7V M . -17.94 -41.55 8.98
H2 A1H7V M . -20.40 -43.24 8.55
H1 A1H7V M . -19.74 -40.29 8.08
H5 A1H7V M . -17.80 -41.71 6.00
H61 A1H7V M . -19.01 -44.51 6.03
H62 A1H7V M . -19.70 -43.40 4.83
HO3 A1H7V M . -17.84 -42.86 10.70
HO6 A1H7V M . -17.53 -43.16 4.10
H7 A1H7V M . -22.77 -39.27 7.95
H8 A1H7V M . -22.83 -40.38 9.35
H9 A1H7V M . -21.72 -38.37 10.08
H10 A1H7V M . -20.47 -39.65 9.93
H10A A1H7V M . -20.62 -38.39 8.66
C4 A1H7V N . -34.67 28.31 -4.54
C3 A1H7V N . -35.48 29.07 -3.58
C2 A1H7V N . -36.58 28.29 -2.96
C1 A1H7V N . -37.48 27.76 -4.07
CAA A1H7V N . -39.69 27.37 -4.66
CAB A1H7V N . -39.43 26.43 -5.88
C5 A1H7V N . -35.53 27.42 -5.43
C6 A1H7V N . -34.66 26.31 -6.04
F1 A1H7V N . -37.36 29.11 -2.15
O4 A1H7V N . -33.96 29.20 -5.52
O3 A1H7V N . -34.55 29.46 -2.49
O1 A1H7V N . -38.65 27.16 -3.68
O5 A1H7V N . -36.68 26.75 -4.83
O6 A1H7V N . -35.41 25.41 -6.80
H4 A1H7V N . -33.96 27.77 -3.94
H3 A1H7V N . -35.91 29.92 -4.08
H2 A1H7V N . -36.17 27.50 -2.34
H1 A1H7V N . -37.82 28.60 -4.65
H5 A1H7V N . -35.93 28.09 -6.17
H61 A1H7V N . -33.91 26.76 -6.66
H62 A1H7V N . -34.18 25.77 -5.23
HO3 A1H7V N . -34.73 28.93 -1.72
HO6 A1H7V N . -36.11 25.05 -6.33
H7 A1H7V N . -39.69 28.41 -5.00
H8 A1H7V N . -40.66 27.13 -4.22
H9 A1H7V N . -39.35 25.39 -5.52
H10 A1H7V N . -38.48 26.72 -6.36
H10A A1H7V N . -40.23 26.51 -6.59
#